data_4DYK
#
_entry.id   4DYK
#
_cell.length_a   73.906
_cell.length_b   98.776
_cell.length_c   119.820
_cell.angle_alpha   90.000
_cell.angle_beta   90.000
_cell.angle_gamma   90.000
#
_symmetry.space_group_name_H-M   'P 21 21 21'
#
loop_
_entity.id
_entity.type
_entity.pdbx_description
1 polymer AMIDOHYDROLASE
2 non-polymer 'ZINC ION'
3 non-polymer 'MAGNESIUM ION'
4 non-polymer GLYCEROL
5 water water
#
_entity_poly.entity_id   1
_entity_poly.type   'polypeptide(L)'
_entity_poly.pdbx_seq_one_letter_code
;MPNVRNPFDLLLLPTWIVPVEPAGVVLRDHALGIRDGQIALVAPREQAMRHGATEIRELPGMLLAPGLVNAHGHSAMSLF
RGLADDLPLMTWLQDHIWPAEGQWVSEDFIRDGTELAIAEQVKGGITCFSDMYFYPQAICGVVHDSGVRAQVAIPVLDFP
IPGARDSAEAIRQGMALFDDLKHHPRIRIAFGPHAPYTVSDDKLEQILVLTEELDASIQMHVHETAFEVEQAMERNGERP
LARLHRLGLLGPRFQAVHMTQVDNDDLAMLVETNSSVIHCPESNLKLASGFCPVEKLWQAGVNVAIGTDGAASNNDLDLL
GETRTAALLAKAVYGQATALDAHRALRMATLNGARALGLERLIGSLEAGKAADLVAFDLSGLAQQPVYDPVSQLIYASGR
DCVRHVWVGGRQLLDDGRLLRHDEQRLIARAREWGAKIAASDRSAENLYFQ
;
_entity_poly.pdbx_strand_id   A,B
#
# COMPACT_ATOMS: atom_id res chain seq x y z
N ASN A 6 38.35 5.93 24.10
CA ASN A 6 37.40 4.90 23.69
C ASN A 6 36.29 5.42 22.75
N PRO A 7 36.63 5.62 21.46
CA PRO A 7 35.66 6.18 20.51
C PRO A 7 34.59 5.17 20.11
N PHE A 8 33.50 5.65 19.51
CA PHE A 8 32.51 4.74 18.95
C PHE A 8 33.13 4.09 17.73
N ASP A 9 32.60 2.94 17.32
CA ASP A 9 32.97 2.38 16.05
C ASP A 9 32.34 3.25 14.95
N LEU A 10 31.11 3.66 15.17
CA LEU A 10 30.37 4.41 14.17
C LEU A 10 29.43 5.39 14.86
N LEU A 11 29.37 6.61 14.34
CA LEU A 11 28.46 7.61 14.86
C LEU A 11 27.56 8.11 13.71
N LEU A 12 26.24 8.02 13.89
CA LEU A 12 25.31 8.42 12.83
C LEU A 12 24.69 9.78 13.15
N LEU A 13 24.73 10.69 12.18
CA LEU A 13 24.15 12.02 12.37
C LEU A 13 22.99 12.28 11.40
N PRO A 14 21.81 11.72 11.69
CA PRO A 14 20.64 11.87 10.81
C PRO A 14 19.84 13.12 11.19
N THR A 15 18.99 13.62 10.30
CA THR A 15 18.17 14.80 10.66
C THR A 15 17.23 14.46 11.81
N TRP A 16 16.68 13.24 11.79
CA TRP A 16 15.72 12.85 12.81
C TRP A 16 16.05 11.45 13.35
N ILE A 17 15.83 11.26 14.64
CA ILE A 17 15.94 9.94 15.24
C ILE A 17 14.62 9.69 15.93
N VAL A 18 13.99 8.55 15.64
CA VAL A 18 12.80 8.15 16.41
C VAL A 18 13.16 6.91 17.24
N PRO A 19 13.32 7.09 18.54
CA PRO A 19 13.80 5.95 19.35
C PRO A 19 12.72 4.92 19.65
N VAL A 20 11.45 5.27 19.44
CA VAL A 20 10.29 4.41 19.73
C VAL A 20 9.98 4.34 21.23
N GLU A 21 11.02 4.11 22.03
CA GLU A 21 10.96 4.31 23.48
C GLU A 21 11.88 5.46 23.84
N PRO A 22 11.34 6.54 24.43
CA PRO A 22 9.96 6.87 24.79
C PRO A 22 9.05 7.13 23.60
N ALA A 23 7.79 6.73 23.73
CA ALA A 23 6.82 6.86 22.67
C ALA A 23 6.60 8.32 22.30
N GLY A 24 6.36 8.55 21.01
CA GLY A 24 5.99 9.88 20.52
C GLY A 24 7.15 10.82 20.28
N VAL A 25 8.33 10.42 20.71
CA VAL A 25 9.49 11.30 20.67
C VAL A 25 10.24 11.21 19.36
N VAL A 26 10.54 12.37 18.79
CA VAL A 26 11.43 12.48 17.65
C VAL A 26 12.55 13.45 18.01
N LEU A 27 13.79 13.03 17.77
CA LEU A 27 14.96 13.80 18.19
C LEU A 27 15.58 14.53 17.00
N ARG A 28 15.85 15.82 17.16
CA ARG A 28 16.60 16.58 16.14
C ARG A 28 18.00 16.93 16.66
N ASP A 29 18.94 17.15 15.74
CA ASP A 29 20.34 17.48 16.08
C ASP A 29 20.92 16.46 17.07
N HIS A 30 20.52 15.20 16.92
CA HIS A 30 20.99 14.13 17.80
C HIS A 30 21.89 13.16 17.05
N ALA A 31 22.56 12.31 17.82
CA ALA A 31 23.48 11.33 17.25
C ALA A 31 23.19 9.97 17.88
N LEU A 32 23.47 8.91 17.13
CA LEU A 32 23.47 7.56 17.70
C LEU A 32 24.86 6.98 17.53
N GLY A 33 25.50 6.64 18.64
CA GLY A 33 26.82 6.02 18.61
C GLY A 33 26.76 4.52 18.81
N ILE A 34 27.49 3.79 17.97
CA ILE A 34 27.53 2.34 18.02
C ILE A 34 28.93 1.89 18.44
N ARG A 35 28.98 0.95 19.39
CA ARG A 35 30.26 0.33 19.78
C ARG A 35 30.05 -1.15 20.03
N ASP A 36 30.88 -1.98 19.40
CA ASP A 36 30.83 -3.43 19.57
C ASP A 36 29.46 -4.03 19.23
N GLY A 37 28.73 -3.38 18.32
CA GLY A 37 27.46 -3.93 17.86
C GLY A 37 26.24 -3.44 18.63
N GLN A 38 26.48 -2.66 19.67
CA GLN A 38 25.40 -2.16 20.51
C GLN A 38 25.24 -0.66 20.36
N ILE A 39 24.05 -0.16 20.64
CA ILE A 39 23.84 1.28 20.76
C ILE A 39 24.50 1.75 22.06
N ALA A 40 25.54 2.58 21.95
CA ALA A 40 26.27 3.03 23.11
C ALA A 40 25.73 4.36 23.62
N LEU A 41 25.20 5.18 22.72
CA LEU A 41 24.68 6.48 23.11
C LEU A 41 23.69 7.05 22.11
N VAL A 42 22.59 7.60 22.62
CA VAL A 42 21.67 8.42 21.85
C VAL A 42 21.58 9.77 22.55
N ALA A 43 22.09 10.82 21.90
CA ALA A 43 22.30 12.10 22.56
C ALA A 43 22.50 13.21 21.54
N PRO A 44 22.36 14.47 21.97
CA PRO A 44 22.66 15.64 21.13
C PRO A 44 24.01 15.51 20.42
N ARG A 45 24.10 16.01 19.20
CA ARG A 45 25.30 15.88 18.36
C ARG A 45 26.53 16.45 19.07
N GLU A 46 26.36 17.63 19.65
CA GLU A 46 27.39 18.30 20.46
C GLU A 46 28.04 17.31 21.42
N GLN A 47 27.20 16.69 22.25
CA GLN A 47 27.64 15.78 23.30
C GLN A 47 28.37 14.55 22.74
N ALA A 48 27.78 13.92 21.72
CA ALA A 48 28.32 12.66 21.20
C ALA A 48 29.67 12.83 20.51
N MET A 49 29.82 13.89 19.72
CA MET A 49 31.07 14.18 19.01
C MET A 49 32.28 14.29 19.94
N ARG A 50 32.03 14.47 21.23
CA ARG A 50 33.09 14.58 22.23
C ARG A 50 33.75 13.24 22.56
N HIS A 51 33.01 12.14 22.42
CA HIS A 51 33.51 10.81 22.77
C HIS A 51 34.52 10.32 21.76
N GLY A 52 34.48 10.95 20.58
CA GLY A 52 35.21 10.54 19.37
C GLY A 52 34.56 9.32 18.71
N ALA A 53 34.89 9.12 17.43
CA ALA A 53 34.33 8.04 16.65
C ALA A 53 35.28 7.71 15.51
N THR A 54 35.54 6.42 15.34
CA THR A 54 36.35 5.91 14.23
C THR A 54 35.76 6.30 12.88
N GLU A 55 34.43 6.26 12.78
CA GLU A 55 33.72 6.66 11.58
C GLU A 55 32.48 7.46 11.95
N ILE A 56 32.24 8.53 11.19
CA ILE A 56 31.06 9.38 11.38
C ILE A 56 30.33 9.55 10.05
N ARG A 57 29.03 9.21 10.03
CA ARG A 57 28.21 9.35 8.83
C ARG A 57 27.11 10.38 9.05
N GLU A 58 27.07 11.40 8.21
CA GLU A 58 26.00 12.38 8.24
C GLU A 58 24.88 11.79 7.41
N LEU A 59 23.65 11.91 7.88
CA LEU A 59 22.51 11.41 7.11
C LEU A 59 21.44 12.49 6.97
N PRO A 60 21.75 13.60 6.29
CA PRO A 60 20.76 14.67 6.18
C PRO A 60 19.52 14.22 5.39
N GLY A 61 18.35 14.67 5.81
CA GLY A 61 17.12 14.31 5.12
C GLY A 61 16.62 12.93 5.50
N MET A 62 17.33 12.27 6.41
CA MET A 62 16.95 10.91 6.76
C MET A 62 16.42 10.74 8.18
N LEU A 63 15.55 9.76 8.34
CA LEU A 63 14.96 9.40 9.62
C LEU A 63 15.57 8.08 10.09
N LEU A 64 16.25 8.09 11.23
CA LEU A 64 16.83 6.88 11.80
C LEU A 64 15.86 6.23 12.79
N ALA A 65 15.63 4.92 12.64
CA ALA A 65 14.64 4.18 13.44
C ALA A 65 15.18 2.79 13.79
N PRO A 66 14.53 2.10 14.74
CA PRO A 66 14.91 0.68 14.94
C PRO A 66 14.55 -0.08 13.67
N GLY A 67 15.32 -1.11 13.30
CA GLY A 67 14.99 -1.89 12.12
C GLY A 67 13.62 -2.53 12.27
N LEU A 68 12.95 -2.78 11.14
CA LEU A 68 11.60 -3.30 11.19
C LEU A 68 11.60 -4.78 11.53
N VAL A 69 10.55 -5.22 12.22
CA VAL A 69 10.46 -6.63 12.60
C VAL A 69 9.25 -7.28 11.93
N ASN A 70 9.52 -8.17 10.97
CA ASN A 70 8.45 -8.86 10.23
C ASN A 70 8.14 -10.15 10.96
N ALA A 71 7.05 -10.12 11.71
CA ALA A 71 6.82 -11.10 12.77
C ALA A 71 6.19 -12.41 12.31
N HIS A 72 5.88 -12.52 11.03
CA HIS A 72 5.31 -13.76 10.49
C HIS A 72 5.47 -13.83 8.98
N GLY A 73 6.05 -14.93 8.51
CA GLY A 73 6.27 -15.12 7.09
C GLY A 73 6.38 -16.59 6.71
N HIS A 74 6.42 -16.84 5.41
CA HIS A 74 6.72 -18.16 4.89
C HIS A 74 7.67 -17.89 3.73
N SER A 75 8.91 -17.50 4.07
CA SER A 75 9.77 -16.76 3.15
C SER A 75 9.98 -17.40 1.77
N ALA A 76 10.23 -18.70 1.72
CA ALA A 76 10.55 -19.32 0.42
C ALA A 76 9.37 -19.33 -0.54
N MET A 77 8.18 -18.98 -0.05
CA MET A 77 7.03 -18.83 -0.95
C MET A 77 7.18 -17.62 -1.86
N SER A 78 8.26 -16.88 -1.68
CA SER A 78 8.63 -15.85 -2.65
C SER A 78 8.66 -16.42 -4.09
N LEU A 79 9.04 -17.69 -4.25
CA LEU A 79 9.09 -18.32 -5.58
C LEU A 79 7.70 -18.60 -6.16
N PHE A 80 6.68 -18.53 -5.31
CA PHE A 80 5.28 -18.72 -5.71
C PHE A 80 4.54 -17.40 -5.84
N ARG A 81 5.28 -16.29 -5.75
CA ARG A 81 4.72 -14.94 -5.76
C ARG A 81 3.91 -14.67 -7.03
N GLY A 82 2.60 -14.48 -6.87
CA GLY A 82 1.74 -14.19 -8.01
C GLY A 82 1.48 -15.37 -8.95
N LEU A 83 1.84 -16.57 -8.52
CA LEU A 83 1.62 -17.76 -9.33
C LEU A 83 0.15 -17.95 -9.73
N ALA A 84 -0.76 -17.90 -8.74
CA ALA A 84 -2.18 -18.02 -9.03
C ALA A 84 -3.04 -17.12 -8.13
N ASP A 85 -3.32 -15.90 -8.59
CA ASP A 85 -4.07 -14.95 -7.78
C ASP A 85 -5.56 -14.97 -8.09
N ASP A 86 -6.34 -14.41 -7.17
CA ASP A 86 -7.76 -14.14 -7.40
C ASP A 86 -8.61 -15.40 -7.61
N LEU A 87 -8.15 -16.51 -7.02
CA LEU A 87 -8.91 -17.76 -7.03
C LEU A 87 -9.54 -17.98 -5.67
N PRO A 88 -10.57 -18.85 -5.61
CA PRO A 88 -11.09 -19.26 -4.31
C PRO A 88 -9.96 -19.90 -3.49
N LEU A 89 -9.98 -19.71 -2.17
CA LEU A 89 -8.89 -20.15 -1.31
C LEU A 89 -8.49 -21.63 -1.52
N MET A 90 -9.49 -22.50 -1.50
CA MET A 90 -9.24 -23.93 -1.60
C MET A 90 -8.87 -24.35 -3.03
N THR A 91 -9.27 -23.56 -4.01
CA THR A 91 -8.81 -23.78 -5.38
C THR A 91 -7.33 -23.40 -5.49
N TRP A 92 -6.98 -22.26 -4.90
CA TRP A 92 -5.61 -21.76 -4.83
C TRP A 92 -4.69 -22.80 -4.19
N LEU A 93 -5.14 -23.36 -3.08
CA LEU A 93 -4.34 -24.35 -2.35
C LEU A 93 -4.24 -25.69 -3.08
N GLN A 94 -5.39 -26.25 -3.48
CA GLN A 94 -5.44 -27.62 -3.99
C GLN A 94 -4.99 -27.77 -5.44
N ASP A 95 -5.25 -26.75 -6.26
CA ASP A 95 -4.91 -26.81 -7.68
C ASP A 95 -3.56 -26.20 -7.97
N HIS A 96 -3.05 -25.37 -7.04
CA HIS A 96 -1.83 -24.61 -7.32
C HIS A 96 -0.72 -24.73 -6.26
N ILE A 97 -0.99 -24.30 -5.03
CA ILE A 97 0.07 -24.25 -4.01
C ILE A 97 0.56 -25.64 -3.54
N TRP A 98 -0.36 -26.51 -3.14
CA TRP A 98 0.04 -27.83 -2.64
C TRP A 98 0.74 -28.75 -3.66
N PRO A 99 0.27 -28.79 -4.92
CA PRO A 99 1.01 -29.60 -5.88
C PRO A 99 2.38 -29.00 -6.20
N ALA A 100 2.46 -27.67 -6.26
CA ALA A 100 3.73 -27.01 -6.52
C ALA A 100 4.72 -27.28 -5.39
N GLU A 101 4.20 -27.36 -4.16
CA GLU A 101 5.04 -27.66 -3.00
C GLU A 101 5.48 -29.12 -3.05
N GLY A 102 4.56 -29.99 -3.48
CA GLY A 102 4.87 -31.40 -3.63
C GLY A 102 5.94 -31.67 -4.69
N GLN A 103 5.91 -30.93 -5.79
CA GLN A 103 6.86 -31.15 -6.87
C GLN A 103 8.19 -30.44 -6.61
N TRP A 104 8.11 -29.22 -6.10
CA TRP A 104 9.27 -28.33 -6.10
C TRP A 104 10.04 -28.10 -4.78
N VAL A 105 9.38 -28.26 -3.64
CA VAL A 105 10.05 -27.90 -2.38
C VAL A 105 11.11 -28.92 -1.97
N SER A 106 12.36 -28.46 -2.00
CA SER A 106 13.53 -29.23 -1.61
C SER A 106 14.44 -28.24 -0.92
N GLU A 107 15.60 -28.71 -0.44
CA GLU A 107 16.55 -27.78 0.18
C GLU A 107 17.02 -26.70 -0.79
N ASP A 108 17.13 -27.08 -2.06
CA ASP A 108 17.52 -26.13 -3.10
C ASP A 108 16.46 -25.05 -3.27
N PHE A 109 15.19 -25.45 -3.32
CA PHE A 109 14.08 -24.49 -3.36
C PHE A 109 14.17 -23.54 -2.17
N ILE A 110 14.19 -24.13 -0.97
CA ILE A 110 14.19 -23.35 0.26
C ILE A 110 15.35 -22.36 0.34
N ARG A 111 16.55 -22.82 -0.01
CA ARG A 111 17.72 -21.95 0.02
C ARG A 111 17.56 -20.74 -0.88
N ASP A 112 17.07 -20.98 -2.10
CA ASP A 112 16.92 -19.92 -3.08
C ASP A 112 15.76 -18.99 -2.74
N GLY A 113 14.62 -19.57 -2.39
CA GLY A 113 13.45 -18.78 -2.05
C GLY A 113 13.64 -17.97 -0.77
N THR A 114 14.28 -18.57 0.23
CA THR A 114 14.55 -17.84 1.47
C THR A 114 15.51 -16.68 1.23
N GLU A 115 16.57 -16.90 0.44
CA GLU A 115 17.54 -15.84 0.25
C GLU A 115 16.90 -14.70 -0.53
N LEU A 116 16.10 -15.07 -1.52
CA LEU A 116 15.30 -14.10 -2.26
C LEU A 116 14.48 -13.21 -1.32
N ALA A 117 13.80 -13.85 -0.39
CA ALA A 117 12.94 -13.14 0.56
C ALA A 117 13.73 -12.24 1.51
N ILE A 118 14.86 -12.72 2.00
CA ILE A 118 15.68 -11.91 2.90
C ILE A 118 16.20 -10.67 2.17
N ALA A 119 16.69 -10.88 0.94
CA ALA A 119 17.13 -9.77 0.12
C ALA A 119 16.02 -8.72 -0.05
N GLU A 120 14.81 -9.15 -0.38
CA GLU A 120 13.71 -8.19 -0.49
C GLU A 120 13.42 -7.49 0.85
N GLN A 121 13.46 -8.24 1.95
CA GLN A 121 13.14 -7.65 3.24
C GLN A 121 14.17 -6.65 3.69
N VAL A 122 15.45 -6.99 3.51
CA VAL A 122 16.50 -6.06 3.89
C VAL A 122 16.39 -4.78 3.08
N LYS A 123 16.08 -4.91 1.80
CA LYS A 123 15.88 -3.73 0.95
C LYS A 123 14.73 -2.85 1.48
N GLY A 124 13.75 -3.48 2.11
CA GLY A 124 12.59 -2.76 2.67
C GLY A 124 12.78 -2.37 4.13
N GLY A 125 13.98 -2.54 4.64
CA GLY A 125 14.34 -2.02 5.95
C GLY A 125 14.10 -2.97 7.12
N ILE A 126 13.85 -4.23 6.80
CA ILE A 126 13.53 -5.23 7.83
C ILE A 126 14.80 -5.89 8.34
N THR A 127 15.02 -5.81 9.64
CA THR A 127 16.24 -6.34 10.26
C THR A 127 16.03 -7.67 10.98
N CYS A 128 14.77 -7.98 11.30
CA CYS A 128 14.43 -9.21 12.03
C CYS A 128 13.17 -9.78 11.42
N PHE A 129 13.13 -11.09 11.19
CA PHE A 129 11.87 -11.69 10.73
C PHE A 129 11.60 -13.05 11.37
N SER A 130 10.38 -13.54 11.22
CA SER A 130 10.02 -14.88 11.64
C SER A 130 9.70 -15.74 10.43
N ASP A 131 10.20 -16.97 10.39
CA ASP A 131 9.85 -17.85 9.30
C ASP A 131 9.12 -19.06 9.85
N MET A 132 8.15 -19.53 9.09
CA MET A 132 7.45 -20.76 9.42
C MET A 132 7.33 -21.57 8.13
N TYR A 133 8.40 -22.29 7.78
CA TYR A 133 8.38 -23.03 6.52
C TYR A 133 9.30 -24.25 6.54
N PHE A 134 9.30 -25.00 5.44
CA PHE A 134 9.95 -26.31 5.40
C PHE A 134 11.47 -26.23 5.31
N TYR A 135 12.14 -27.32 5.68
CA TYR A 135 13.60 -27.39 5.74
C TYR A 135 14.21 -26.25 6.57
N PRO A 136 13.85 -26.17 7.87
CA PRO A 136 14.32 -25.13 8.79
C PRO A 136 15.84 -25.07 8.89
N GLN A 137 16.51 -26.22 8.88
CA GLN A 137 17.97 -26.22 8.93
C GLN A 137 18.54 -25.44 7.75
N ALA A 138 17.98 -25.67 6.57
CA ALA A 138 18.41 -24.96 5.37
C ALA A 138 18.12 -23.46 5.50
N ILE A 139 16.98 -23.14 6.11
CA ILE A 139 16.59 -21.75 6.34
C ILE A 139 17.62 -21.04 7.22
N CYS A 140 17.94 -21.67 8.34
CA CYS A 140 18.94 -21.15 9.27
C CYS A 140 20.28 -20.87 8.58
N GLY A 141 20.70 -21.76 7.69
CA GLY A 141 21.95 -21.57 6.99
C GLY A 141 21.93 -20.28 6.21
N VAL A 142 20.80 -20.04 5.53
CA VAL A 142 20.63 -18.85 4.72
C VAL A 142 20.55 -17.59 5.58
N VAL A 143 19.79 -17.67 6.67
CA VAL A 143 19.72 -16.56 7.61
C VAL A 143 21.11 -16.26 8.20
N HIS A 144 21.87 -17.30 8.53
CA HIS A 144 23.21 -17.07 9.08
C HIS A 144 24.08 -16.24 8.14
N ASP A 145 24.16 -16.67 6.89
CA ASP A 145 24.99 -16.00 5.91
C ASP A 145 24.55 -14.56 5.67
N SER A 146 23.23 -14.36 5.66
CA SER A 146 22.64 -13.05 5.33
C SER A 146 22.95 -11.97 6.36
N GLY A 147 23.21 -12.38 7.60
CA GLY A 147 23.44 -11.43 8.67
C GLY A 147 22.20 -10.86 9.37
N VAL A 148 20.99 -11.23 8.95
CA VAL A 148 19.80 -10.68 9.62
C VAL A 148 19.45 -11.47 10.87
N ARG A 149 18.55 -10.92 11.68
CA ARG A 149 18.07 -11.60 12.88
C ARG A 149 16.83 -12.41 12.48
N ALA A 150 16.61 -13.56 13.12
CA ALA A 150 15.42 -14.35 12.77
C ALA A 150 14.93 -15.28 13.88
N GLN A 151 13.61 -15.44 13.94
CA GLN A 151 13.03 -16.59 14.61
C GLN A 151 12.69 -17.58 13.52
N VAL A 152 13.17 -18.81 13.65
CA VAL A 152 12.82 -19.85 12.68
C VAL A 152 11.94 -20.88 13.37
N ALA A 153 10.69 -20.97 12.94
CA ALA A 153 9.72 -21.80 13.63
C ALA A 153 9.60 -23.14 12.94
N ILE A 154 9.78 -24.21 13.71
CA ILE A 154 9.73 -25.58 13.19
C ILE A 154 8.29 -25.98 12.88
N PRO A 155 8.03 -26.31 11.61
CA PRO A 155 6.68 -26.70 11.20
C PRO A 155 6.32 -28.11 11.66
N VAL A 156 5.23 -28.23 12.39
CA VAL A 156 4.76 -29.51 12.91
C VAL A 156 3.31 -29.75 12.46
N LEU A 157 3.07 -30.88 11.78
CA LEU A 157 1.72 -31.21 11.31
C LEU A 157 1.35 -32.69 11.46
N ASP A 158 0.06 -32.97 11.26
CA ASP A 158 -0.52 -34.31 11.39
C ASP A 158 -0.26 -35.20 10.18
N PHE A 159 0.40 -34.65 9.16
CA PHE A 159 0.60 -35.37 7.90
C PHE A 159 1.98 -35.05 7.31
N PRO A 160 2.43 -35.85 6.31
CA PRO A 160 3.73 -35.55 5.69
C PRO A 160 3.80 -34.17 5.03
N ILE A 161 4.95 -33.52 5.22
CA ILE A 161 5.26 -32.25 4.56
C ILE A 161 6.64 -32.42 3.95
N PRO A 162 7.06 -31.49 3.08
CA PRO A 162 8.43 -31.63 2.58
C PRO A 162 9.42 -31.55 3.74
N GLY A 163 10.37 -32.48 3.81
CA GLY A 163 11.41 -32.44 4.84
C GLY A 163 11.10 -33.30 6.05
N ALA A 164 9.82 -33.56 6.29
CA ALA A 164 9.41 -34.35 7.44
C ALA A 164 8.26 -35.29 7.08
N ARG A 165 8.56 -36.60 7.10
CA ARG A 165 7.54 -37.61 6.82
C ARG A 165 6.42 -37.57 7.88
N ASP A 166 6.75 -37.10 9.08
CA ASP A 166 5.77 -36.94 10.13
C ASP A 166 6.21 -35.98 11.25
N SER A 167 5.31 -35.73 12.19
CA SER A 167 5.54 -34.80 13.31
C SER A 167 6.70 -35.23 14.21
N ALA A 168 6.88 -36.54 14.37
CA ALA A 168 7.98 -37.06 15.18
C ALA A 168 9.32 -36.64 14.59
N GLU A 169 9.49 -36.84 13.29
CA GLU A 169 10.73 -36.49 12.63
C GLU A 169 10.94 -34.98 12.65
N ALA A 170 9.85 -34.23 12.54
CA ALA A 170 9.93 -32.77 12.53
C ALA A 170 10.45 -32.24 13.86
N ILE A 171 9.99 -32.83 14.95
CA ILE A 171 10.43 -32.45 16.28
C ILE A 171 11.88 -32.89 16.53
N ARG A 172 12.22 -34.10 16.10
CA ARG A 172 13.61 -34.57 16.19
C ARG A 172 14.60 -33.64 15.49
N GLN A 173 14.29 -33.30 14.24
CA GLN A 173 15.07 -32.33 13.47
C GLN A 173 15.06 -31.00 14.20
N GLY A 174 13.92 -30.67 14.79
CA GLY A 174 13.75 -29.43 15.53
C GLY A 174 14.69 -29.39 16.72
N MET A 175 14.63 -30.44 17.54
CA MET A 175 15.48 -30.54 18.73
C MET A 175 16.96 -30.45 18.38
N ALA A 176 17.36 -31.17 17.33
CA ALA A 176 18.73 -31.10 16.84
C ALA A 176 19.10 -29.67 16.46
N LEU A 177 18.16 -28.96 15.83
CA LEU A 177 18.34 -27.56 15.48
C LEU A 177 18.53 -26.66 16.71
N PHE A 178 17.65 -26.86 17.70
CA PHE A 178 17.70 -26.11 18.95
C PHE A 178 19.09 -26.14 19.58
N ASP A 179 19.68 -27.33 19.58
CA ASP A 179 20.99 -27.52 20.18
C ASP A 179 22.11 -26.91 19.35
N ASP A 180 22.02 -27.06 18.04
CA ASP A 180 23.08 -26.59 17.14
C ASP A 180 23.20 -25.06 17.09
N LEU A 181 22.11 -24.37 17.39
CA LEU A 181 22.08 -22.91 17.30
C LEU A 181 21.94 -22.25 18.67
N LYS A 182 22.21 -23.05 19.70
CA LYS A 182 22.02 -22.64 21.10
C LYS A 182 22.69 -21.29 21.43
N HIS A 183 23.87 -21.04 20.85
CA HIS A 183 24.58 -19.80 21.11
C HIS A 183 24.71 -18.93 19.87
N HIS A 184 23.82 -19.10 18.91
CA HIS A 184 23.84 -18.20 17.77
C HIS A 184 23.40 -16.82 18.22
N PRO A 185 24.14 -15.79 17.80
CA PRO A 185 23.81 -14.41 18.23
C PRO A 185 22.60 -13.80 17.53
N ARG A 186 22.17 -14.37 16.39
CA ARG A 186 21.11 -13.74 15.59
C ARG A 186 19.86 -14.60 15.35
N ILE A 187 19.99 -15.91 15.49
CA ILE A 187 18.88 -16.83 15.20
C ILE A 187 18.36 -17.53 16.46
N ARG A 188 17.04 -17.62 16.57
CA ARG A 188 16.40 -18.42 17.62
C ARG A 188 15.42 -19.41 17.03
N ILE A 189 15.42 -20.63 17.56
CA ILE A 189 14.46 -21.63 17.11
C ILE A 189 13.19 -21.56 17.95
N ALA A 190 12.04 -21.62 17.28
CA ALA A 190 10.73 -21.72 17.91
C ALA A 190 9.99 -22.93 17.35
N PHE A 191 8.87 -23.30 17.97
CA PHE A 191 8.00 -24.32 17.38
C PHE A 191 6.88 -23.67 16.60
N GLY A 192 6.54 -24.22 15.44
CA GLY A 192 5.54 -23.61 14.59
C GLY A 192 4.49 -24.57 14.06
N PRO A 193 3.65 -25.11 14.95
CA PRO A 193 2.55 -25.97 14.51
C PRO A 193 1.59 -25.13 13.66
N HIS A 194 1.23 -25.62 12.47
CA HIS A 194 0.56 -24.77 11.48
C HIS A 194 -0.66 -24.04 12.03
N ALA A 195 -1.56 -24.80 12.65
CA ALA A 195 -2.83 -24.28 13.13
C ALA A 195 -3.45 -25.33 14.03
N PRO A 196 -4.41 -24.93 14.89
CA PRO A 196 -5.11 -25.90 15.75
C PRO A 196 -5.77 -27.02 14.97
N TYR A 197 -6.32 -26.73 13.79
CA TYR A 197 -7.02 -27.73 13.00
C TYR A 197 -6.10 -28.72 12.27
N THR A 198 -4.78 -28.53 12.38
CA THR A 198 -3.82 -29.44 11.74
C THR A 198 -2.91 -30.19 12.72
N VAL A 199 -3.08 -29.95 14.02
CA VAL A 199 -2.20 -30.56 15.00
C VAL A 199 -2.98 -31.16 16.17
N SER A 200 -2.60 -32.38 16.55
CA SER A 200 -3.32 -33.15 17.58
C SER A 200 -3.00 -32.66 18.99
N ASP A 201 -3.94 -32.86 19.91
CA ASP A 201 -3.76 -32.47 21.30
C ASP A 201 -2.48 -33.04 21.90
N ASP A 202 -2.21 -34.31 21.60
CA ASP A 202 -0.99 -34.98 22.05
C ASP A 202 0.25 -34.23 21.57
N LYS A 203 0.28 -33.88 20.28
CA LYS A 203 1.37 -33.12 19.69
C LYS A 203 1.50 -31.74 20.33
N LEU A 204 0.37 -31.14 20.68
CA LEU A 204 0.36 -29.85 21.37
C LEU A 204 0.98 -29.95 22.77
N GLU A 205 0.56 -30.94 23.55
CA GLU A 205 1.11 -31.15 24.89
C GLU A 205 2.60 -31.50 24.83
N GLN A 206 2.99 -32.25 23.82
CA GLN A 206 4.38 -32.65 23.55
C GLN A 206 5.23 -31.41 23.29
N ILE A 207 4.72 -30.55 22.40
CA ILE A 207 5.35 -29.28 22.07
C ILE A 207 5.51 -28.37 23.31
N LEU A 208 4.47 -28.32 24.14
CA LEU A 208 4.52 -27.51 25.35
C LEU A 208 5.67 -27.92 26.30
N VAL A 209 5.78 -29.22 26.59
CA VAL A 209 6.83 -29.72 27.47
C VAL A 209 8.22 -29.31 26.97
N LEU A 210 8.47 -29.57 25.69
CA LEU A 210 9.75 -29.24 25.07
C LEU A 210 9.98 -27.75 25.13
N THR A 211 8.91 -26.99 24.96
CA THR A 211 9.01 -25.53 24.93
C THR A 211 9.40 -24.95 26.30
N GLU A 212 8.72 -25.38 27.35
CA GLU A 212 9.06 -24.93 28.69
C GLU A 212 10.44 -25.44 29.09
N GLU A 213 10.80 -26.62 28.59
CA GLU A 213 12.13 -27.18 28.76
C GLU A 213 13.17 -26.23 28.17
N LEU A 214 12.85 -25.63 27.02
CA LEU A 214 13.82 -24.84 26.28
C LEU A 214 13.64 -23.33 26.41
N ASP A 215 12.64 -22.89 27.18
CA ASP A 215 12.22 -21.49 27.18
C ASP A 215 12.08 -20.98 25.74
N ALA A 216 11.44 -21.78 24.89
CA ALA A 216 11.30 -21.46 23.47
C ALA A 216 9.88 -20.98 23.16
N SER A 217 9.75 -20.23 22.06
CA SER A 217 8.46 -19.68 21.67
C SER A 217 7.64 -20.65 20.83
N ILE A 218 6.34 -20.38 20.72
CA ILE A 218 5.46 -21.13 19.83
C ILE A 218 4.68 -20.14 18.96
N GLN A 219 4.71 -20.35 17.64
CA GLN A 219 3.90 -19.52 16.76
C GLN A 219 2.92 -20.39 16.00
N MET A 220 1.66 -19.95 15.94
CA MET A 220 0.62 -20.73 15.27
C MET A 220 -0.39 -19.81 14.59
N HIS A 221 -0.93 -20.23 13.44
CA HIS A 221 -2.04 -19.49 12.83
C HIS A 221 -3.26 -19.80 13.69
N VAL A 222 -3.87 -18.79 14.29
CA VAL A 222 -5.03 -19.02 15.16
C VAL A 222 -6.19 -18.11 14.78
N HIS A 223 -7.39 -18.67 14.65
CA HIS A 223 -8.59 -17.89 14.31
C HIS A 223 -8.40 -17.02 13.07
N GLU A 224 -7.82 -17.60 12.02
CA GLU A 224 -7.62 -16.86 10.79
C GLU A 224 -8.94 -16.64 10.03
N THR A 225 -9.89 -17.56 10.19
CA THR A 225 -11.14 -17.48 9.41
C THR A 225 -12.35 -17.83 10.27
N ALA A 226 -13.52 -17.35 9.86
CA ALA A 226 -14.77 -17.71 10.52
C ALA A 226 -15.00 -19.22 10.38
N PHE A 227 -14.71 -19.74 9.19
CA PHE A 227 -14.86 -21.16 8.90
C PHE A 227 -14.11 -22.08 9.88
N GLU A 228 -12.85 -21.80 10.17
CA GLU A 228 -12.09 -22.58 11.16
C GLU A 228 -12.78 -22.58 12.54
N VAL A 229 -13.24 -21.41 12.97
CA VAL A 229 -13.77 -21.24 14.31
C VAL A 229 -15.14 -21.91 14.45
N GLU A 230 -16.02 -21.66 13.49
CA GLU A 230 -17.34 -22.29 13.46
C GLU A 230 -17.21 -23.80 13.41
N GLN A 231 -16.32 -24.29 12.57
CA GLN A 231 -16.10 -25.72 12.41
C GLN A 231 -15.56 -26.39 13.67
N ALA A 232 -14.67 -25.71 14.39
CA ALA A 232 -14.19 -26.23 15.67
C ALA A 232 -15.36 -26.33 16.65
N MET A 233 -16.34 -25.44 16.50
CA MET A 233 -17.57 -25.49 17.31
C MET A 233 -18.40 -26.75 17.00
N GLU A 234 -18.95 -26.83 15.79
CA GLU A 234 -19.59 -28.06 15.35
C GLU A 234 -18.53 -29.12 15.06
N ARG A 235 -18.01 -29.72 16.14
CA ARG A 235 -17.02 -30.80 16.11
C ARG A 235 -16.52 -31.04 17.53
N ASN A 236 -16.22 -29.94 18.23
CA ASN A 236 -15.56 -30.01 19.53
C ASN A 236 -16.24 -29.14 20.58
N GLY A 237 -17.17 -28.30 20.14
CA GLY A 237 -17.86 -27.37 21.02
C GLY A 237 -16.92 -26.48 21.83
N GLU A 238 -15.89 -25.98 21.17
CA GLU A 238 -14.83 -25.22 21.85
C GLU A 238 -13.98 -24.45 20.85
N ARG A 239 -13.92 -23.14 21.03
CA ARG A 239 -13.10 -22.26 20.18
C ARG A 239 -11.63 -22.71 20.20
N PRO A 240 -10.97 -22.64 19.04
CA PRO A 240 -9.58 -23.08 18.95
C PRO A 240 -8.69 -22.42 20.01
N LEU A 241 -8.85 -21.11 20.21
CA LEU A 241 -8.02 -20.41 21.19
C LEU A 241 -8.30 -20.95 22.59
N ALA A 242 -9.57 -21.20 22.87
CA ALA A 242 -9.96 -21.76 24.16
C ALA A 242 -9.30 -23.12 24.40
N ARG A 243 -9.20 -23.90 23.33
CA ARG A 243 -8.56 -25.22 23.38
C ARG A 243 -7.06 -25.11 23.69
N LEU A 244 -6.42 -24.15 23.03
CA LEU A 244 -5.01 -23.84 23.28
C LEU A 244 -4.79 -23.36 24.72
N HIS A 245 -5.75 -22.57 25.20
CA HIS A 245 -5.73 -22.06 26.57
C HIS A 245 -5.90 -23.21 27.55
N ARG A 246 -6.84 -24.09 27.23
CA ARG A 246 -7.10 -25.28 28.03
C ARG A 246 -5.84 -26.11 28.21
N LEU A 247 -5.09 -26.28 27.13
CA LEU A 247 -3.92 -27.15 27.12
C LEU A 247 -2.67 -26.46 27.65
N GLY A 248 -2.80 -25.20 28.03
CA GLY A 248 -1.70 -24.48 28.66
C GLY A 248 -0.64 -23.95 27.70
N LEU A 249 -0.98 -23.84 26.42
CA LEU A 249 -0.02 -23.34 25.44
C LEU A 249 0.06 -21.81 25.39
N LEU A 250 -0.96 -21.13 25.85
CA LEU A 250 -0.97 -19.67 25.79
C LEU A 250 -0.04 -19.07 26.83
N GLY A 251 0.55 -17.92 26.51
CA GLY A 251 1.51 -17.27 27.39
C GLY A 251 2.36 -16.23 26.67
N PRO A 252 3.27 -15.56 27.41
CA PRO A 252 4.10 -14.49 26.84
C PRO A 252 4.98 -14.98 25.68
N ARG A 253 5.20 -16.28 25.59
CA ARG A 253 5.99 -16.83 24.49
C ARG A 253 5.08 -17.38 23.38
N PHE A 254 3.77 -17.20 23.54
CA PHE A 254 2.85 -17.64 22.50
C PHE A 254 2.54 -16.55 21.46
N GLN A 255 2.74 -16.88 20.19
CA GLN A 255 2.44 -15.98 19.09
C GLN A 255 1.24 -16.43 18.26
N ALA A 256 0.08 -15.82 18.53
CA ALA A 256 -1.14 -16.10 17.78
C ALA A 256 -1.24 -15.26 16.50
N VAL A 257 -1.02 -15.89 15.35
CA VAL A 257 -1.02 -15.17 14.08
C VAL A 257 -2.44 -15.06 13.51
N HIS A 258 -2.77 -13.85 13.03
CA HIS A 258 -4.04 -13.53 12.34
C HIS A 258 -5.14 -13.05 13.27
N MET A 259 -5.83 -13.99 13.92
CA MET A 259 -6.88 -13.64 14.89
C MET A 259 -7.87 -12.62 14.33
N THR A 260 -8.45 -12.92 13.16
CA THR A 260 -9.51 -12.09 12.58
C THR A 260 -10.81 -12.32 13.34
N GLN A 261 -10.93 -13.48 13.94
CA GLN A 261 -12.10 -13.83 14.73
C GLN A 261 -11.76 -13.73 16.22
N VAL A 262 -12.30 -12.71 16.87
CA VAL A 262 -12.02 -12.45 18.27
C VAL A 262 -13.34 -12.16 19.00
N ASP A 263 -13.78 -13.05 19.89
CA ASP A 263 -14.88 -12.70 20.79
C ASP A 263 -14.36 -12.26 22.16
N ASN A 264 -15.25 -12.02 23.11
CA ASN A 264 -14.79 -11.50 24.41
C ASN A 264 -14.06 -12.51 25.28
N ASP A 265 -14.45 -13.78 25.18
CA ASP A 265 -13.70 -14.85 25.85
C ASP A 265 -12.28 -14.95 25.27
N ASP A 266 -12.17 -14.92 23.94
CA ASP A 266 -10.88 -14.89 23.25
C ASP A 266 -10.03 -13.77 23.81
N LEU A 267 -10.62 -12.58 23.87
CA LEU A 267 -9.92 -11.39 24.31
C LEU A 267 -9.42 -11.54 25.73
N ALA A 268 -10.29 -11.96 26.63
CA ALA A 268 -9.89 -12.12 28.03
C ALA A 268 -8.72 -13.09 28.15
N MET A 269 -8.72 -14.13 27.32
CA MET A 269 -7.66 -15.14 27.34
C MET A 269 -6.33 -14.55 26.87
N LEU A 270 -6.39 -13.67 25.88
CA LEU A 270 -5.20 -12.97 25.41
C LEU A 270 -4.65 -12.05 26.50
N VAL A 271 -5.52 -11.28 27.14
CA VAL A 271 -5.09 -10.30 28.14
C VAL A 271 -4.53 -11.01 29.38
N GLU A 272 -5.12 -12.15 29.70
CA GLU A 272 -4.75 -12.92 30.89
C GLU A 272 -3.42 -13.63 30.74
N THR A 273 -3.18 -14.23 29.57
CA THR A 273 -1.96 -15.00 29.35
C THR A 273 -0.83 -14.15 28.83
N ASN A 274 -1.15 -12.90 28.51
CA ASN A 274 -0.19 -11.98 27.89
C ASN A 274 0.36 -12.52 26.56
N SER A 275 -0.48 -13.27 25.83
CA SER A 275 -0.08 -13.78 24.52
C SER A 275 0.02 -12.64 23.50
N SER A 276 0.93 -12.78 22.53
CA SER A 276 1.03 -11.81 21.44
C SER A 276 0.11 -12.18 20.27
N VAL A 277 -0.43 -11.17 19.59
CA VAL A 277 -1.14 -11.39 18.33
C VAL A 277 -0.30 -10.82 17.19
N ILE A 278 -0.12 -11.58 16.12
CA ILE A 278 0.61 -11.08 14.94
C ILE A 278 -0.41 -10.69 13.88
N HIS A 279 -0.51 -9.40 13.62
CA HIS A 279 -1.47 -8.85 12.64
C HIS A 279 -0.92 -8.95 11.21
N CYS A 280 -1.64 -9.64 10.32
CA CYS A 280 -1.26 -9.69 8.90
C CYS A 280 -2.38 -9.15 8.02
N PRO A 281 -2.55 -7.82 7.99
CA PRO A 281 -3.73 -7.24 7.33
C PRO A 281 -3.87 -7.61 5.86
N GLU A 282 -2.80 -7.50 5.08
CA GLU A 282 -2.93 -7.62 3.64
C GLU A 282 -3.33 -9.04 3.24
N SER A 283 -2.69 -10.02 3.88
CA SER A 283 -3.05 -11.42 3.67
C SER A 283 -4.50 -11.69 4.08
N ASN A 284 -4.91 -11.14 5.22
CA ASN A 284 -6.29 -11.25 5.66
C ASN A 284 -7.27 -10.70 4.63
N LEU A 285 -6.92 -9.57 4.03
CA LEU A 285 -7.79 -8.98 3.03
C LEU A 285 -7.80 -9.83 1.77
N LYS A 286 -6.62 -10.16 1.26
CA LYS A 286 -6.47 -10.85 -0.02
C LYS A 286 -7.16 -12.22 -0.04
N LEU A 287 -7.12 -12.90 1.10
CA LEU A 287 -7.73 -14.22 1.22
C LEU A 287 -9.15 -14.14 1.77
N ALA A 288 -9.67 -12.92 1.92
CA ALA A 288 -10.99 -12.71 2.52
C ALA A 288 -11.14 -13.37 3.89
N SER A 289 -10.09 -13.32 4.70
CA SER A 289 -10.13 -13.94 6.01
C SER A 289 -10.89 -13.08 7.03
N GLY A 290 -10.92 -11.76 6.82
CA GLY A 290 -11.61 -10.89 7.76
C GLY A 290 -10.76 -9.75 8.27
N PHE A 291 -11.18 -9.18 9.39
CA PHE A 291 -10.58 -7.95 9.90
C PHE A 291 -10.17 -8.08 11.36
N CYS A 292 -8.88 -8.21 11.62
CA CYS A 292 -8.39 -8.28 12.99
C CYS A 292 -8.72 -6.97 13.70
N PRO A 293 -9.36 -7.07 14.88
CA PRO A 293 -9.71 -5.88 15.66
C PRO A 293 -8.50 -5.31 16.40
N VAL A 294 -7.62 -4.61 15.68
CA VAL A 294 -6.34 -4.21 16.27
C VAL A 294 -6.45 -3.16 17.39
N GLU A 295 -7.15 -2.06 17.13
CA GLU A 295 -7.31 -1.02 18.16
C GLU A 295 -7.98 -1.56 19.43
N LYS A 296 -8.97 -2.42 19.25
CA LYS A 296 -9.60 -3.10 20.38
C LYS A 296 -8.59 -3.92 21.19
N LEU A 297 -7.82 -4.76 20.50
CA LEU A 297 -6.81 -5.56 21.18
C LEU A 297 -5.80 -4.69 21.89
N TRP A 298 -5.42 -3.61 21.21
CA TRP A 298 -4.44 -2.66 21.73
C TRP A 298 -4.95 -1.99 23.01
N GLN A 299 -6.16 -1.46 22.97
CA GLN A 299 -6.75 -0.80 24.13
C GLN A 299 -6.86 -1.72 25.34
N ALA A 300 -7.12 -3.01 25.09
CA ALA A 300 -7.19 -4.01 26.15
C ALA A 300 -5.80 -4.33 26.73
N GLY A 301 -4.76 -4.00 25.98
CA GLY A 301 -3.40 -4.22 26.45
C GLY A 301 -2.70 -5.41 25.82
N VAL A 302 -3.27 -5.95 24.75
CA VAL A 302 -2.65 -7.08 24.06
C VAL A 302 -1.51 -6.56 23.17
N ASN A 303 -0.34 -7.20 23.25
CA ASN A 303 0.75 -6.86 22.34
C ASN A 303 0.39 -7.32 20.92
N VAL A 304 0.39 -6.38 19.98
CA VAL A 304 0.06 -6.65 18.59
C VAL A 304 1.25 -6.30 17.75
N ALA A 305 1.86 -7.32 17.14
CA ALA A 305 2.94 -7.12 16.17
C ALA A 305 2.35 -7.25 14.77
N ILE A 306 3.20 -7.22 13.76
CA ILE A 306 2.70 -7.23 12.40
C ILE A 306 3.62 -8.11 11.55
N GLY A 307 3.03 -8.85 10.62
CA GLY A 307 3.81 -9.65 9.69
C GLY A 307 3.25 -9.50 8.29
N THR A 308 4.00 -9.94 7.29
CA THR A 308 3.57 -9.87 5.90
C THR A 308 2.84 -11.12 5.45
N ASP A 309 3.00 -12.21 6.19
CA ASP A 309 2.68 -13.57 5.71
C ASP A 309 3.59 -13.87 4.52
N GLY A 310 3.24 -14.88 3.74
CA GLY A 310 4.08 -15.26 2.59
C GLY A 310 3.78 -14.45 1.34
N ALA A 311 4.73 -14.39 0.41
CA ALA A 311 4.61 -13.54 -0.75
C ALA A 311 3.56 -14.03 -1.74
N ALA A 312 2.99 -15.21 -1.51
CA ALA A 312 1.96 -15.71 -2.43
C ALA A 312 0.59 -15.24 -2.01
N SER A 313 0.49 -14.66 -0.81
CA SER A 313 -0.75 -14.00 -0.41
C SER A 313 -0.47 -12.61 0.18
N ASN A 314 0.14 -11.77 -0.63
CA ASN A 314 0.39 -10.40 -0.24
C ASN A 314 0.34 -9.35 -1.35
N ASN A 315 1.23 -9.33 -2.34
CA ASN A 315 2.24 -10.36 -2.65
C ASN A 315 3.66 -9.83 -2.51
N ASP A 316 3.87 -8.82 -1.66
CA ASP A 316 5.24 -8.40 -1.39
C ASP A 316 5.63 -8.66 0.05
N LEU A 317 6.90 -8.44 0.38
CA LEU A 317 7.33 -8.62 1.77
C LEU A 317 7.73 -7.26 2.31
N ASP A 318 6.77 -6.33 2.19
CA ASP A 318 6.96 -4.92 2.50
C ASP A 318 6.31 -4.65 3.85
N LEU A 319 7.12 -4.60 4.91
CA LEU A 319 6.55 -4.40 6.24
C LEU A 319 6.16 -2.95 6.45
N LEU A 320 6.91 -2.01 5.87
CA LEU A 320 6.47 -0.60 5.93
C LEU A 320 5.09 -0.47 5.29
N GLY A 321 4.95 -1.11 4.14
CA GLY A 321 3.66 -1.12 3.45
C GLY A 321 2.55 -1.78 4.28
N GLU A 322 2.85 -2.93 4.89
CA GLU A 322 1.84 -3.62 5.72
C GLU A 322 1.38 -2.67 6.80
N THR A 323 2.35 -1.93 7.34
CA THR A 323 2.12 -1.09 8.51
C THR A 323 1.19 0.05 8.14
N ARG A 324 1.44 0.67 6.99
CA ARG A 324 0.50 1.66 6.48
C ARG A 324 -0.89 1.06 6.26
N THR A 325 -0.94 -0.11 5.64
CA THR A 325 -2.24 -0.76 5.43
C THR A 325 -2.93 -0.97 6.78
N ALA A 326 -2.15 -1.39 7.78
CA ALA A 326 -2.69 -1.66 9.09
C ALA A 326 -3.20 -0.37 9.73
N ALA A 327 -2.41 0.70 9.63
CA ALA A 327 -2.78 1.97 10.26
C ALA A 327 -4.06 2.56 9.63
N LEU A 328 -4.21 2.40 8.31
CA LEU A 328 -5.39 2.88 7.61
C LEU A 328 -6.60 2.00 7.98
N LEU A 329 -6.45 0.70 7.81
CA LEU A 329 -7.56 -0.24 8.07
C LEU A 329 -8.09 -0.16 9.51
N ALA A 330 -7.18 -0.01 10.48
CA ALA A 330 -7.58 0.00 11.90
C ALA A 330 -8.56 1.12 12.22
N LYS A 331 -8.47 2.23 11.51
CA LYS A 331 -9.35 3.36 11.77
C LYS A 331 -10.78 3.01 11.35
N ALA A 332 -10.93 2.45 10.16
CA ALA A 332 -12.26 2.11 9.66
C ALA A 332 -12.84 0.90 10.41
N VAL A 333 -11.99 -0.02 10.85
CA VAL A 333 -12.45 -1.21 11.56
C VAL A 333 -12.97 -0.82 12.94
N TYR A 334 -12.21 0.02 13.63
CA TYR A 334 -12.57 0.50 14.97
C TYR A 334 -13.67 1.56 14.91
N GLY A 335 -13.81 2.21 13.76
CA GLY A 335 -14.80 3.26 13.61
C GLY A 335 -14.35 4.65 14.04
N GLN A 336 -13.04 4.85 14.22
CA GLN A 336 -12.50 6.16 14.66
C GLN A 336 -11.19 6.53 13.96
N ALA A 337 -11.07 7.78 13.51
CA ALA A 337 -9.87 8.23 12.79
C ALA A 337 -8.61 8.34 13.66
N THR A 338 -8.79 8.20 14.97
CA THR A 338 -7.70 8.32 15.94
C THR A 338 -7.05 6.99 16.26
N ALA A 339 -7.62 5.90 15.75
CA ALA A 339 -7.09 4.57 16.00
C ALA A 339 -5.72 4.33 15.36
N LEU A 340 -4.92 3.47 15.99
CA LEU A 340 -3.58 3.08 15.52
C LEU A 340 -2.84 4.25 14.83
N ASP A 341 -2.48 5.27 15.62
CA ASP A 341 -1.81 6.45 15.07
C ASP A 341 -0.38 6.13 14.62
N ALA A 342 0.20 7.05 13.86
CA ALA A 342 1.47 6.80 13.17
C ALA A 342 2.59 6.33 14.08
N HIS A 343 2.67 6.90 15.29
CA HIS A 343 3.73 6.50 16.21
C HIS A 343 3.48 5.10 16.76
N ARG A 344 2.22 4.78 17.06
CA ARG A 344 1.89 3.44 17.51
C ARG A 344 2.06 2.43 16.37
N ALA A 345 1.79 2.84 15.12
CA ALA A 345 2.00 1.95 13.98
C ALA A 345 3.46 1.56 13.85
N LEU A 346 4.35 2.54 14.00
CA LEU A 346 5.79 2.25 13.95
C LEU A 346 6.19 1.34 15.11
N ARG A 347 5.57 1.55 16.27
CA ARG A 347 5.88 0.76 17.45
C ARG A 347 5.46 -0.69 17.22
N MET A 348 4.32 -0.86 16.56
CA MET A 348 3.84 -2.19 16.18
C MET A 348 4.84 -2.86 15.25
N ALA A 349 5.48 -2.08 14.38
CA ALA A 349 6.41 -2.64 13.40
C ALA A 349 7.80 -2.88 13.94
N THR A 350 8.06 -2.45 15.17
CA THR A 350 9.39 -2.54 15.73
C THR A 350 9.34 -3.20 17.11
N LEU A 351 9.15 -2.37 18.14
CA LEU A 351 9.21 -2.86 19.51
C LEU A 351 8.20 -3.96 19.82
N ASN A 352 7.01 -3.89 19.23
CA ASN A 352 6.02 -4.94 19.45
C ASN A 352 6.42 -6.26 18.80
N GLY A 353 7.03 -6.17 17.62
CA GLY A 353 7.60 -7.34 16.97
C GLY A 353 8.64 -7.97 17.86
N ALA A 354 9.51 -7.12 18.44
CA ALA A 354 10.57 -7.60 19.30
C ALA A 354 9.96 -8.35 20.47
N ARG A 355 8.93 -7.76 21.07
CA ARG A 355 8.29 -8.36 22.24
C ARG A 355 7.64 -9.69 21.86
N ALA A 356 6.97 -9.73 20.72
CA ALA A 356 6.38 -10.98 20.23
C ALA A 356 7.41 -12.11 20.09
N LEU A 357 8.62 -11.78 19.66
CA LEU A 357 9.64 -12.78 19.33
C LEU A 357 10.57 -13.04 20.52
N GLY A 358 10.31 -12.35 21.62
CA GLY A 358 11.06 -12.53 22.86
C GLY A 358 12.38 -11.77 22.87
N LEU A 359 12.50 -10.76 22.02
CA LEU A 359 13.77 -10.09 21.79
C LEU A 359 13.78 -8.64 22.25
N GLU A 360 12.83 -8.26 23.10
CA GLU A 360 12.64 -6.85 23.44
C GLU A 360 13.73 -6.22 24.31
N ARG A 361 14.61 -7.04 24.91
CA ARG A 361 15.76 -6.54 25.64
C ARG A 361 16.94 -6.25 24.70
N LEU A 362 16.87 -6.79 23.48
CA LEU A 362 17.99 -6.69 22.55
C LEU A 362 17.74 -5.68 21.44
N ILE A 363 16.47 -5.57 21.02
CA ILE A 363 16.11 -4.81 19.82
C ILE A 363 14.78 -4.07 19.99
N GLY A 364 14.41 -3.27 18.99
CA GLY A 364 13.07 -2.72 18.94
C GLY A 364 12.95 -1.28 19.38
N SER A 365 14.01 -0.75 19.98
CA SER A 365 14.06 0.66 20.32
C SER A 365 15.49 1.17 20.29
N LEU A 366 15.66 2.48 20.17
CA LEU A 366 17.00 3.04 20.10
C LEU A 366 17.42 3.50 21.50
N GLU A 367 17.84 2.53 22.31
CA GLU A 367 18.21 2.79 23.68
C GLU A 367 19.59 2.21 23.91
N ALA A 368 20.41 2.89 24.71
CA ALA A 368 21.74 2.39 25.04
C ALA A 368 21.64 1.00 25.64
N GLY A 369 22.54 0.12 25.23
CA GLY A 369 22.50 -1.25 25.73
C GLY A 369 21.91 -2.25 24.74
N LYS A 370 21.01 -1.80 23.88
CA LYS A 370 20.41 -2.70 22.90
C LYS A 370 21.28 -2.88 21.65
N ALA A 371 20.99 -3.90 20.86
CA ALA A 371 21.72 -4.14 19.62
C ALA A 371 21.49 -3.02 18.62
N ALA A 372 22.50 -2.72 17.82
CA ALA A 372 22.37 -1.67 16.81
C ALA A 372 21.74 -2.27 15.54
N ASP A 373 20.45 -2.61 15.65
CA ASP A 373 19.60 -2.97 14.50
C ASP A 373 18.88 -1.71 14.03
N LEU A 374 19.33 -1.11 12.92
CA LEU A 374 18.91 0.24 12.53
C LEU A 374 18.50 0.32 11.07
N VAL A 375 17.58 1.23 10.77
CA VAL A 375 17.21 1.54 9.38
C VAL A 375 17.14 3.05 9.21
N ALA A 376 17.71 3.54 8.10
CA ALA A 376 17.63 4.97 7.79
C ALA A 376 16.75 5.17 6.58
N PHE A 377 15.67 5.95 6.75
CA PHE A 377 14.71 6.19 5.69
C PHE A 377 14.98 7.58 5.13
N ASP A 378 14.99 7.71 3.82
CA ASP A 378 15.18 9.03 3.19
C ASP A 378 13.84 9.72 3.01
N LEU A 379 13.72 10.93 3.58
CA LEU A 379 12.47 11.68 3.52
C LEU A 379 12.57 12.95 2.66
N SER A 380 13.61 13.01 1.83
CA SER A 380 13.87 14.22 1.05
C SER A 380 13.27 14.19 -0.36
N GLY A 381 12.48 13.17 -0.67
CA GLY A 381 11.90 13.06 -2.01
C GLY A 381 10.74 14.01 -2.24
N LEU A 382 10.50 14.35 -3.51
CA LEU A 382 9.40 15.23 -3.88
C LEU A 382 8.07 14.84 -3.24
N ALA A 383 7.69 13.57 -3.38
CA ALA A 383 6.36 13.15 -2.93
C ALA A 383 6.21 13.11 -1.40
N GLN A 384 7.30 13.34 -0.67
CA GLN A 384 7.23 13.36 0.79
C GLN A 384 7.17 14.79 1.35
N GLN A 385 7.27 15.78 0.47
CA GLN A 385 7.23 17.20 0.88
C GLN A 385 5.81 17.75 1.01
N PRO A 386 5.60 18.69 1.93
CA PRO A 386 6.53 19.13 2.97
C PRO A 386 6.50 18.16 4.13
N VAL A 387 7.61 18.02 4.84
CA VAL A 387 7.69 17.12 5.99
C VAL A 387 7.37 17.88 7.27
N TYR A 388 6.15 17.71 7.78
CA TYR A 388 5.78 18.37 9.03
C TYR A 388 6.15 17.49 10.23
N ASP A 389 5.91 16.19 10.08
CA ASP A 389 6.18 15.19 11.11
C ASP A 389 6.78 14.02 10.37
N PRO A 390 8.05 13.71 10.67
CA PRO A 390 8.79 12.67 9.93
C PRO A 390 8.14 11.30 10.11
N VAL A 391 7.57 11.04 11.27
CA VAL A 391 6.98 9.71 11.50
C VAL A 391 5.64 9.57 10.77
N SER A 392 4.82 10.63 10.79
CA SER A 392 3.61 10.65 9.96
C SER A 392 3.98 10.40 8.51
N GLN A 393 5.02 11.09 8.04
CA GLN A 393 5.42 11.04 6.65
C GLN A 393 5.96 9.66 6.29
N LEU A 394 6.68 9.04 7.22
CA LEU A 394 7.12 7.67 7.03
C LEU A 394 5.92 6.71 6.85
N ILE A 395 5.02 6.74 7.81
CA ILE A 395 3.92 5.78 7.83
C ILE A 395 2.94 5.98 6.70
N TYR A 396 2.56 7.22 6.43
CA TYR A 396 1.45 7.47 5.50
C TYR A 396 1.87 7.99 4.14
N ALA A 397 3.16 8.30 3.95
CA ALA A 397 3.56 8.89 2.67
C ALA A 397 4.91 8.45 2.09
N SER A 398 5.51 7.42 2.67
CA SER A 398 6.81 6.94 2.19
C SER A 398 6.75 5.46 1.78
N GLY A 399 7.42 5.10 0.70
CA GLY A 399 7.49 3.69 0.31
C GLY A 399 8.79 3.07 0.75
N ARG A 400 8.86 1.74 0.68
CA ARG A 400 10.06 1.03 1.13
C ARG A 400 11.30 1.39 0.30
N ASP A 401 11.09 1.92 -0.91
CA ASP A 401 12.21 2.29 -1.77
C ASP A 401 13.04 3.42 -1.15
N CYS A 402 12.48 4.11 -0.16
CA CYS A 402 13.21 5.20 0.48
C CYS A 402 14.19 4.71 1.53
N VAL A 403 14.18 3.41 1.82
CA VAL A 403 15.14 2.83 2.77
C VAL A 403 16.56 2.89 2.18
N ARG A 404 17.48 3.56 2.87
CA ARG A 404 18.81 3.75 2.29
C ARG A 404 19.87 2.85 2.92
N HIS A 405 19.80 2.70 4.23
CA HIS A 405 20.84 2.00 4.98
C HIS A 405 20.20 1.12 6.02
N VAL A 406 20.82 -0.02 6.28
CA VAL A 406 20.32 -0.97 7.26
C VAL A 406 21.53 -1.60 7.98
N TRP A 407 21.44 -1.70 9.30
CA TRP A 407 22.49 -2.35 10.09
C TRP A 407 21.85 -3.42 10.99
N VAL A 408 22.51 -4.55 11.16
CA VAL A 408 22.08 -5.53 12.16
C VAL A 408 23.28 -5.82 13.07
N GLY A 409 23.07 -5.61 14.37
CA GLY A 409 24.17 -5.74 15.32
C GLY A 409 25.33 -4.84 14.93
N GLY A 410 25.00 -3.67 14.38
CA GLY A 410 26.02 -2.73 13.96
C GLY A 410 26.74 -3.09 12.67
N ARG A 411 26.41 -4.24 12.09
CA ARG A 411 26.98 -4.63 10.81
C ARG A 411 26.08 -4.12 9.68
N GLN A 412 26.61 -3.36 8.75
CA GLN A 412 25.78 -2.79 7.68
C GLN A 412 25.41 -3.84 6.62
N LEU A 413 24.12 -3.96 6.34
CA LEU A 413 23.63 -4.95 5.37
C LEU A 413 23.16 -4.26 4.08
N LEU A 414 22.76 -3.00 4.20
CA LEU A 414 22.34 -2.21 3.05
C LEU A 414 23.09 -0.88 3.06
N ASP A 415 23.73 -0.55 1.95
CA ASP A 415 24.49 0.69 1.86
C ASP A 415 24.00 1.49 0.66
N ASP A 416 23.27 2.57 0.94
CA ASP A 416 22.67 3.41 -0.10
C ASP A 416 21.90 2.54 -1.07
N GLY A 417 21.10 1.62 -0.52
CA GLY A 417 20.23 0.78 -1.34
C GLY A 417 20.87 -0.45 -1.94
N ARG A 418 22.17 -0.64 -1.70
CA ARG A 418 22.85 -1.81 -2.25
C ARG A 418 23.06 -2.87 -1.17
N LEU A 419 22.72 -4.10 -1.49
CA LEU A 419 22.85 -5.20 -0.53
C LEU A 419 24.30 -5.65 -0.43
N LEU A 420 24.82 -5.67 0.79
CA LEU A 420 26.22 -6.06 0.97
C LEU A 420 26.42 -7.59 1.08
N ARG A 421 25.36 -8.33 1.41
CA ARG A 421 25.51 -9.78 1.59
C ARG A 421 24.82 -10.66 0.53
N HIS A 422 24.30 -10.05 -0.54
CA HIS A 422 23.60 -10.80 -1.59
C HIS A 422 24.03 -10.29 -2.95
N ASP A 423 24.05 -11.16 -3.95
CA ASP A 423 24.22 -10.71 -5.33
C ASP A 423 22.83 -10.62 -5.94
N GLU A 424 22.33 -9.39 -6.07
CA GLU A 424 20.96 -9.14 -6.48
C GLU A 424 20.66 -9.73 -7.87
N GLN A 425 21.55 -9.51 -8.84
CA GLN A 425 21.29 -10.03 -10.18
C GLN A 425 21.34 -11.55 -10.25
N ARG A 426 22.17 -12.16 -9.40
CA ARG A 426 22.23 -13.63 -9.31
C ARG A 426 20.94 -14.22 -8.79
N LEU A 427 20.36 -13.57 -7.80
CA LEU A 427 19.09 -14.02 -7.20
C LEU A 427 17.95 -13.83 -8.17
N ILE A 428 17.97 -12.73 -8.91
CA ILE A 428 16.96 -12.48 -9.93
C ILE A 428 17.04 -13.60 -10.97
N ALA A 429 18.24 -13.82 -11.51
CA ALA A 429 18.43 -14.87 -12.50
C ALA A 429 18.00 -16.22 -11.93
N ARG A 430 18.37 -16.51 -10.69
CA ARG A 430 17.98 -17.79 -10.12
C ARG A 430 16.45 -17.87 -9.93
N ALA A 431 15.84 -16.79 -9.46
CA ALA A 431 14.38 -16.79 -9.31
C ALA A 431 13.65 -17.01 -10.63
N ARG A 432 14.24 -16.51 -11.71
CA ARG A 432 13.67 -16.69 -13.04
C ARG A 432 13.73 -18.16 -13.47
N GLU A 433 14.86 -18.82 -13.21
CA GLU A 433 15.03 -20.24 -13.52
C GLU A 433 13.95 -21.04 -12.81
N TRP A 434 13.73 -20.74 -11.54
CA TRP A 434 12.68 -21.41 -10.78
C TRP A 434 11.30 -21.14 -11.37
N GLY A 435 10.98 -19.85 -11.54
CA GLY A 435 9.69 -19.46 -12.09
C GLY A 435 9.38 -20.10 -13.43
N ALA A 436 10.38 -20.22 -14.30
CA ALA A 436 10.19 -20.89 -15.59
C ALA A 436 9.74 -22.35 -15.37
N LYS A 437 10.44 -23.06 -14.49
CA LYS A 437 10.10 -24.45 -14.18
C LYS A 437 8.73 -24.58 -13.52
N ILE A 438 8.50 -23.80 -12.47
CA ILE A 438 7.24 -23.80 -11.74
C ILE A 438 6.05 -23.42 -12.64
N ALA A 439 6.25 -22.41 -13.48
CA ALA A 439 5.20 -21.99 -14.41
C ALA A 439 4.81 -23.15 -15.32
N ALA A 440 5.81 -23.86 -15.83
CA ALA A 440 5.54 -24.99 -16.72
C ALA A 440 4.73 -26.11 -16.05
N SER A 441 5.04 -26.39 -14.78
CA SER A 441 4.36 -27.46 -14.06
C SER A 441 2.95 -27.09 -13.62
N ASP A 442 2.66 -25.79 -13.61
CA ASP A 442 1.37 -25.29 -13.13
C ASP A 442 0.35 -25.22 -14.28
N ASN B 6 5.29 4.91 -44.81
CA ASN B 6 4.60 5.47 -43.65
C ASN B 6 5.10 4.89 -42.32
N PRO B 7 6.24 5.38 -41.83
CA PRO B 7 6.79 4.87 -40.56
C PRO B 7 6.13 5.51 -39.33
N PHE B 8 6.16 4.82 -38.21
CA PHE B 8 5.64 5.42 -37.00
C PHE B 8 6.58 6.52 -36.53
N ASP B 9 6.03 7.52 -35.85
CA ASP B 9 6.87 8.47 -35.13
C ASP B 9 7.64 7.75 -34.05
N LEU B 10 6.96 6.82 -33.38
CA LEU B 10 7.55 6.05 -32.28
C LEU B 10 6.99 4.63 -32.22
N LEU B 11 7.88 3.64 -32.09
CA LEU B 11 7.46 2.25 -31.94
C LEU B 11 8.00 1.72 -30.62
N LEU B 12 7.12 1.12 -29.81
CA LEU B 12 7.54 0.60 -28.51
C LEU B 12 7.57 -0.93 -28.50
N LEU B 13 8.65 -1.50 -27.96
CA LEU B 13 8.84 -2.95 -27.93
C LEU B 13 9.03 -3.47 -26.51
N PRO B 14 7.93 -3.56 -25.73
CA PRO B 14 8.04 -4.03 -24.36
C PRO B 14 7.88 -5.54 -24.30
N THR B 15 8.37 -6.18 -23.23
CA THR B 15 8.15 -7.60 -23.05
C THR B 15 6.64 -7.89 -23.04
N TRP B 16 5.87 -7.08 -22.32
CA TRP B 16 4.41 -7.28 -22.22
C TRP B 16 3.59 -6.03 -22.58
N ILE B 17 2.43 -6.26 -23.20
CA ILE B 17 1.47 -5.19 -23.41
C ILE B 17 0.13 -5.62 -22.82
N VAL B 18 -0.45 -4.79 -21.96
CA VAL B 18 -1.81 -5.06 -21.48
C VAL B 18 -2.76 -3.99 -22.04
N PRO B 19 -3.52 -4.36 -23.08
CA PRO B 19 -4.35 -3.38 -23.77
C PRO B 19 -5.58 -2.98 -22.99
N VAL B 20 -5.88 -3.72 -21.92
CA VAL B 20 -7.10 -3.53 -21.10
C VAL B 20 -8.39 -3.93 -21.83
N GLU B 21 -8.49 -3.55 -23.11
CA GLU B 21 -9.51 -4.04 -24.04
C GLU B 21 -8.76 -4.75 -25.15
N PRO B 22 -9.02 -6.06 -25.32
CA PRO B 22 -10.00 -6.84 -24.56
C PRO B 22 -9.47 -7.26 -23.19
N ALA B 23 -10.39 -7.57 -22.28
CA ALA B 23 -10.03 -7.86 -20.90
C ALA B 23 -9.29 -9.19 -20.75
N GLY B 24 -8.31 -9.22 -19.84
CA GLY B 24 -7.61 -10.45 -19.53
C GLY B 24 -6.44 -10.78 -20.45
N VAL B 25 -6.37 -10.09 -21.57
CA VAL B 25 -5.33 -10.34 -22.57
C VAL B 25 -4.00 -9.68 -22.20
N VAL B 26 -2.90 -10.43 -22.33
CA VAL B 26 -1.54 -9.90 -22.23
C VAL B 26 -0.77 -10.30 -23.48
N LEU B 27 -0.26 -9.31 -24.21
CA LEU B 27 0.46 -9.58 -25.45
C LEU B 27 1.97 -9.69 -25.21
N ARG B 28 2.57 -10.76 -25.73
CA ARG B 28 4.02 -10.96 -25.63
C ARG B 28 4.58 -10.82 -27.03
N ASP B 29 5.85 -10.47 -27.13
CA ASP B 29 6.51 -10.31 -28.43
C ASP B 29 5.73 -9.35 -29.34
N HIS B 30 5.05 -8.37 -28.73
CA HIS B 30 4.26 -7.42 -29.49
C HIS B 30 4.90 -6.03 -29.52
N ALA B 31 4.27 -5.13 -30.26
CA ALA B 31 4.76 -3.78 -30.48
C ALA B 31 3.59 -2.82 -30.42
N LEU B 32 3.83 -1.60 -29.93
CA LEU B 32 2.84 -0.54 -30.06
C LEU B 32 3.44 0.58 -30.91
N GLY B 33 2.77 0.91 -32.01
CA GLY B 33 3.23 1.97 -32.90
C GLY B 33 2.38 3.23 -32.79
N ILE B 34 3.05 4.36 -32.61
CA ILE B 34 2.37 5.65 -32.45
C ILE B 34 2.64 6.55 -33.66
N ARG B 35 1.61 7.27 -34.08
CA ARG B 35 1.76 8.23 -35.15
C ARG B 35 0.79 9.36 -34.86
N ASP B 36 1.29 10.59 -34.91
CA ASP B 36 0.47 11.79 -34.69
C ASP B 36 -0.27 11.73 -33.36
N GLY B 37 0.46 11.44 -32.28
CA GLY B 37 -0.11 11.42 -30.94
C GLY B 37 -1.13 10.33 -30.65
N GLN B 38 -1.39 9.48 -31.65
CA GLN B 38 -2.40 8.43 -31.52
C GLN B 38 -1.77 7.03 -31.67
N ILE B 39 -2.38 6.04 -31.01
CA ILE B 39 -2.02 4.64 -31.23
C ILE B 39 -2.40 4.21 -32.64
N ALA B 40 -1.41 3.87 -33.46
CA ALA B 40 -1.69 3.49 -34.84
C ALA B 40 -1.77 1.97 -35.03
N LEU B 41 -1.03 1.23 -34.22
CA LEU B 41 -0.93 -0.22 -34.38
C LEU B 41 -0.49 -0.94 -33.10
N VAL B 42 -1.24 -1.96 -32.71
CA VAL B 42 -0.84 -2.88 -31.67
C VAL B 42 -0.85 -4.28 -32.30
N ALA B 43 0.34 -4.82 -32.58
CA ALA B 43 0.48 -6.05 -33.35
C ALA B 43 1.77 -6.79 -32.99
N PRO B 44 1.94 -8.03 -33.48
CA PRO B 44 3.25 -8.67 -33.32
C PRO B 44 4.39 -7.82 -33.86
N ARG B 45 5.53 -7.87 -33.18
CA ARG B 45 6.70 -7.05 -33.50
C ARG B 45 7.12 -7.17 -34.96
N GLU B 46 7.08 -8.40 -35.48
CA GLU B 46 7.56 -8.62 -36.83
C GLU B 46 6.67 -7.94 -37.85
N GLN B 47 5.36 -8.00 -37.62
CA GLN B 47 4.41 -7.29 -38.47
C GLN B 47 4.61 -5.78 -38.36
N ALA B 48 4.74 -5.28 -37.13
CA ALA B 48 4.88 -3.85 -36.90
C ALA B 48 6.20 -3.27 -37.42
N MET B 49 7.28 -4.03 -37.29
CA MET B 49 8.59 -3.56 -37.73
C MET B 49 8.66 -3.29 -39.24
N ARG B 50 7.88 -4.04 -40.02
CA ARG B 50 7.86 -3.85 -41.47
C ARG B 50 7.30 -2.50 -41.89
N HIS B 51 6.56 -1.86 -40.98
CA HIS B 51 6.05 -0.50 -41.20
C HIS B 51 7.16 0.54 -41.13
N GLY B 52 8.27 0.14 -40.48
CA GLY B 52 9.38 1.03 -40.10
C GLY B 52 8.98 2.08 -39.05
N ALA B 53 9.97 2.67 -38.38
CA ALA B 53 9.72 3.68 -37.35
C ALA B 53 10.85 4.70 -37.21
N THR B 54 10.49 5.97 -37.04
CA THR B 54 11.48 7.04 -36.88
C THR B 54 12.24 6.82 -35.57
N GLU B 55 11.49 6.42 -34.54
CA GLU B 55 12.07 6.11 -33.25
C GLU B 55 11.53 4.79 -32.72
N ILE B 56 12.42 3.96 -32.18
CA ILE B 56 12.06 2.68 -31.63
C ILE B 56 12.66 2.58 -30.24
N ARG B 57 11.86 2.19 -29.27
CA ARG B 57 12.35 1.90 -27.93
C ARG B 57 12.16 0.45 -27.59
N GLU B 58 13.23 -0.21 -27.19
CA GLU B 58 13.14 -1.55 -26.66
C GLU B 58 12.96 -1.42 -25.18
N LEU B 59 11.92 -2.08 -24.65
CA LEU B 59 11.63 -2.03 -23.21
C LEU B 59 11.58 -3.43 -22.59
N PRO B 60 12.71 -4.17 -22.65
CA PRO B 60 12.73 -5.52 -22.08
C PRO B 60 12.45 -5.50 -20.58
N GLY B 61 11.72 -6.51 -20.08
CA GLY B 61 11.38 -6.54 -18.66
C GLY B 61 10.26 -5.59 -18.26
N MET B 62 9.66 -4.88 -19.22
CA MET B 62 8.65 -3.87 -18.92
C MET B 62 7.25 -4.23 -19.41
N LEU B 63 6.25 -3.78 -18.67
CA LEU B 63 4.86 -3.99 -19.01
C LEU B 63 4.30 -2.64 -19.48
N LEU B 64 3.76 -2.62 -20.70
CA LEU B 64 3.23 -1.39 -21.26
C LEU B 64 1.71 -1.40 -21.09
N ALA B 65 1.17 -0.34 -20.48
CA ALA B 65 -0.24 -0.25 -20.14
C ALA B 65 -0.80 1.12 -20.51
N PRO B 66 -2.15 1.26 -20.53
CA PRO B 66 -2.72 2.61 -20.66
C PRO B 66 -2.33 3.44 -19.45
N GLY B 67 -2.18 4.75 -19.62
CA GLY B 67 -1.84 5.63 -18.52
C GLY B 67 -2.92 5.58 -17.45
N LEU B 68 -2.51 5.66 -16.19
CA LEU B 68 -3.44 5.57 -15.06
C LEU B 68 -4.29 6.83 -14.95
N VAL B 69 -5.56 6.67 -14.56
CA VAL B 69 -6.48 7.79 -14.50
C VAL B 69 -6.91 8.03 -13.07
N ASN B 70 -6.45 9.13 -12.48
CA ASN B 70 -6.79 9.44 -11.10
C ASN B 70 -8.06 10.26 -11.09
N ALA B 71 -9.19 9.62 -10.83
CA ALA B 71 -10.48 10.24 -11.14
C ALA B 71 -11.09 11.07 -10.02
N HIS B 72 -10.35 11.30 -8.94
CA HIS B 72 -10.77 12.24 -7.88
C HIS B 72 -9.60 12.70 -7.02
N GLY B 73 -9.41 14.02 -6.91
CA GLY B 73 -8.42 14.55 -5.99
C GLY B 73 -8.63 16.03 -5.69
N HIS B 74 -7.81 16.58 -4.79
CA HIS B 74 -7.81 18.00 -4.46
C HIS B 74 -6.32 18.37 -4.46
N SER B 75 -5.77 18.55 -5.65
CA SER B 75 -4.33 18.37 -5.85
C SER B 75 -3.41 19.26 -5.01
N ALA B 76 -3.73 20.55 -4.92
CA ALA B 76 -2.88 21.49 -4.18
C ALA B 76 -2.84 21.25 -2.67
N MET B 77 -3.68 20.34 -2.17
CA MET B 77 -3.60 19.93 -0.77
C MET B 77 -2.32 19.13 -0.53
N SER B 78 -1.57 18.90 -1.60
CA SER B 78 -0.23 18.35 -1.46
C SER B 78 0.61 19.14 -0.44
N LEU B 79 0.36 20.45 -0.38
CA LEU B 79 1.06 21.32 0.57
C LEU B 79 0.65 21.09 2.03
N PHE B 80 -0.49 20.42 2.25
CA PHE B 80 -0.92 20.05 3.61
C PHE B 80 -0.60 18.58 3.94
N ARG B 81 0.20 17.92 3.12
CA ARG B 81 0.51 16.50 3.30
C ARG B 81 1.12 16.17 4.67
N GLY B 82 0.36 15.50 5.54
CA GLY B 82 0.90 15.07 6.83
C GLY B 82 0.92 16.19 7.86
N LEU B 83 0.28 17.30 7.53
CA LEU B 83 0.22 18.45 8.44
C LEU B 83 -0.32 18.04 9.81
N ALA B 84 -1.49 17.41 9.82
CA ALA B 84 -2.12 17.00 11.07
C ALA B 84 -2.89 15.67 10.94
N ASP B 85 -2.18 14.57 11.12
CA ASP B 85 -2.79 13.24 11.00
C ASP B 85 -3.35 12.73 12.31
N ASP B 86 -4.14 11.65 12.21
CA ASP B 86 -4.58 10.88 13.36
C ASP B 86 -5.48 11.64 14.33
N LEU B 87 -6.09 12.71 13.82
CA LEU B 87 -7.06 13.51 14.57
C LEU B 87 -8.49 13.11 14.23
N PRO B 88 -9.43 13.45 15.12
CA PRO B 88 -10.84 13.31 14.74
C PRO B 88 -11.11 14.18 13.50
N LEU B 89 -11.96 13.71 12.60
CA LEU B 89 -12.21 14.39 11.32
C LEU B 89 -12.54 15.88 11.46
N MET B 90 -13.42 16.21 12.39
CA MET B 90 -13.79 17.61 12.58
C MET B 90 -12.68 18.44 13.21
N THR B 91 -11.80 17.80 13.98
CA THR B 91 -10.68 18.53 14.58
C THR B 91 -9.66 18.83 13.50
N TRP B 92 -9.45 17.86 12.61
CA TRP B 92 -8.57 18.02 11.46
C TRP B 92 -9.03 19.19 10.59
N LEU B 93 -10.33 19.26 10.32
CA LEU B 93 -10.84 20.31 9.44
C LEU B 93 -10.85 21.65 10.16
N GLN B 94 -11.37 21.66 11.39
CA GLN B 94 -11.58 22.92 12.10
C GLN B 94 -10.30 23.55 12.66
N ASP B 95 -9.37 22.73 13.14
CA ASP B 95 -8.18 23.29 13.78
C ASP B 95 -6.93 23.30 12.90
N HIS B 96 -7.02 22.74 11.70
CA HIS B 96 -5.85 22.61 10.84
C HIS B 96 -6.05 22.96 9.35
N ILE B 97 -6.88 22.19 8.66
CA ILE B 97 -7.08 22.41 7.23
C ILE B 97 -7.81 23.72 6.92
N TRP B 98 -8.97 23.94 7.54
CA TRP B 98 -9.73 25.16 7.26
C TRP B 98 -8.96 26.46 7.59
N PRO B 99 -8.32 26.54 8.78
CA PRO B 99 -7.51 27.72 9.07
C PRO B 99 -6.44 27.95 8.00
N ALA B 100 -5.75 26.88 7.60
CA ALA B 100 -4.66 26.99 6.63
C ALA B 100 -5.17 27.36 5.24
N GLU B 101 -6.34 26.87 4.88
CA GLU B 101 -6.91 27.23 3.60
C GLU B 101 -7.22 28.73 3.57
N GLY B 102 -7.92 29.21 4.60
CA GLY B 102 -8.25 30.62 4.72
C GLY B 102 -7.02 31.51 4.61
N GLN B 103 -5.99 31.19 5.39
CA GLN B 103 -4.78 32.01 5.45
C GLN B 103 -3.87 31.92 4.22
N TRP B 104 -3.73 30.74 3.62
CA TRP B 104 -2.69 30.57 2.58
C TRP B 104 -3.16 30.31 1.15
N VAL B 105 -4.38 29.81 0.97
CA VAL B 105 -4.82 29.48 -0.38
C VAL B 105 -5.00 30.72 -1.26
N SER B 106 -4.05 30.92 -2.15
CA SER B 106 -4.05 31.99 -3.13
C SER B 106 -3.74 31.35 -4.47
N GLU B 107 -3.74 32.17 -5.51
CA GLU B 107 -3.40 31.67 -6.83
C GLU B 107 -1.97 31.09 -6.88
N ASP B 108 -1.05 31.73 -6.17
CA ASP B 108 0.32 31.22 -6.04
C ASP B 108 0.36 29.85 -5.35
N PHE B 109 -0.39 29.72 -4.26
CA PHE B 109 -0.49 28.45 -3.53
C PHE B 109 -1.00 27.37 -4.46
N ILE B 110 -2.08 27.67 -5.18
CA ILE B 110 -2.66 26.67 -6.07
C ILE B 110 -1.66 26.24 -7.15
N ARG B 111 -0.95 27.19 -7.73
CA ARG B 111 0.04 26.87 -8.76
C ARG B 111 1.14 25.95 -8.24
N ASP B 112 1.72 26.30 -7.09
CA ASP B 112 2.76 25.46 -6.49
C ASP B 112 2.22 24.08 -6.08
N GLY B 113 1.10 24.07 -5.36
CA GLY B 113 0.54 22.82 -4.87
C GLY B 113 0.09 21.89 -5.99
N THR B 114 -0.57 22.45 -7.00
CA THR B 114 -0.99 21.65 -8.16
C THR B 114 0.20 21.05 -8.92
N GLU B 115 1.24 21.86 -9.17
CA GLU B 115 2.37 21.35 -9.94
C GLU B 115 3.09 20.23 -9.21
N LEU B 116 3.27 20.44 -7.91
CA LEU B 116 3.85 19.44 -7.01
C LEU B 116 3.09 18.12 -7.14
N ALA B 117 1.76 18.21 -7.14
CA ALA B 117 0.92 17.03 -7.21
C ALA B 117 1.01 16.36 -8.59
N ILE B 118 1.06 17.16 -9.65
CA ILE B 118 1.16 16.60 -10.99
C ILE B 118 2.49 15.87 -11.15
N ALA B 119 3.55 16.44 -10.60
CA ALA B 119 4.88 15.84 -10.68
C ALA B 119 4.91 14.47 -10.00
N GLU B 120 4.29 14.39 -8.84
CA GLU B 120 4.22 13.13 -8.11
C GLU B 120 3.39 12.13 -8.92
N GLN B 121 2.29 12.62 -9.47
CA GLN B 121 1.38 11.76 -10.21
C GLN B 121 2.01 11.20 -11.49
N VAL B 122 2.75 12.03 -12.21
CA VAL B 122 3.40 11.56 -13.43
C VAL B 122 4.47 10.53 -13.10
N LYS B 123 5.24 10.81 -12.07
CA LYS B 123 6.24 9.84 -11.60
C LYS B 123 5.61 8.50 -11.22
N GLY B 124 4.33 8.52 -10.83
CA GLY B 124 3.62 7.29 -10.52
C GLY B 124 2.77 6.71 -11.64
N GLY B 125 2.93 7.23 -12.86
CA GLY B 125 2.28 6.63 -14.02
C GLY B 125 0.88 7.17 -14.32
N ILE B 126 0.52 8.28 -13.69
CA ILE B 126 -0.82 8.85 -13.89
C ILE B 126 -0.79 9.83 -15.06
N THR B 127 -1.64 9.60 -16.06
CA THR B 127 -1.65 10.43 -17.27
C THR B 127 -2.85 11.37 -17.33
N CYS B 128 -3.85 11.06 -16.51
CA CYS B 128 -5.06 11.85 -16.49
C CYS B 128 -5.55 11.93 -15.06
N PHE B 129 -5.93 13.12 -14.63
CA PHE B 129 -6.50 13.24 -13.30
C PHE B 129 -7.69 14.20 -13.26
N SER B 130 -8.51 14.09 -12.21
CA SER B 130 -9.59 15.04 -11.99
C SER B 130 -9.29 15.84 -10.73
N ASP B 131 -9.46 17.16 -10.79
CA ASP B 131 -9.23 18.01 -9.64
C ASP B 131 -10.53 18.70 -9.21
N MET B 132 -10.72 18.84 -7.91
CA MET B 132 -11.85 19.57 -7.36
C MET B 132 -11.26 20.46 -6.27
N TYR B 133 -10.76 21.63 -6.66
CA TYR B 133 -10.13 22.56 -5.72
C TYR B 133 -10.19 24.01 -6.19
N PHE B 134 -9.76 24.91 -5.32
CA PHE B 134 -9.95 26.35 -5.52
C PHE B 134 -9.07 26.90 -6.63
N TYR B 135 -9.46 28.07 -7.16
CA TYR B 135 -8.73 28.72 -8.26
C TYR B 135 -8.56 27.85 -9.52
N PRO B 136 -9.70 27.39 -10.10
CA PRO B 136 -9.69 26.51 -11.27
C PRO B 136 -8.91 27.08 -12.45
N GLN B 137 -8.93 28.40 -12.62
CA GLN B 137 -8.18 29.04 -13.69
C GLN B 137 -6.67 28.80 -13.51
N ALA B 138 -6.21 28.99 -12.29
CA ALA B 138 -4.83 28.68 -11.94
C ALA B 138 -4.48 27.21 -12.21
N ILE B 139 -5.34 26.31 -11.72
CA ILE B 139 -5.14 24.87 -11.93
C ILE B 139 -4.96 24.56 -13.42
N CYS B 140 -5.85 25.09 -14.26
CA CYS B 140 -5.78 24.80 -15.69
C CYS B 140 -4.45 25.25 -16.31
N GLY B 141 -3.94 26.38 -15.85
CA GLY B 141 -2.69 26.90 -16.39
C GLY B 141 -1.57 25.91 -16.13
N VAL B 142 -1.55 25.39 -14.90
CA VAL B 142 -0.53 24.42 -14.50
C VAL B 142 -0.71 23.11 -15.29
N VAL B 143 -1.95 22.65 -15.41
CA VAL B 143 -2.23 21.44 -16.17
C VAL B 143 -1.76 21.58 -17.61
N HIS B 144 -2.04 22.74 -18.22
CA HIS B 144 -1.63 22.98 -19.61
C HIS B 144 -0.12 22.78 -19.78
N ASP B 145 0.66 23.45 -18.95
CA ASP B 145 2.11 23.41 -19.08
C ASP B 145 2.65 21.99 -18.88
N SER B 146 2.03 21.24 -17.96
CA SER B 146 2.53 19.92 -17.57
C SER B 146 2.38 18.88 -18.67
N GLY B 147 1.45 19.13 -19.60
CA GLY B 147 1.19 18.22 -20.69
C GLY B 147 0.29 17.04 -20.34
N VAL B 148 -0.22 16.99 -19.12
CA VAL B 148 -1.10 15.88 -18.74
C VAL B 148 -2.54 16.19 -19.12
N ARG B 149 -3.39 15.18 -18.97
CA ARG B 149 -4.80 15.31 -19.27
C ARG B 149 -5.53 15.54 -17.97
N ALA B 150 -6.59 16.35 -17.97
CA ALA B 150 -7.33 16.58 -16.73
C ALA B 150 -8.78 17.01 -16.91
N GLN B 151 -9.61 16.58 -15.97
CA GLN B 151 -10.90 17.20 -15.72
C GLN B 151 -10.71 18.16 -14.55
N VAL B 152 -11.07 19.43 -14.74
CA VAL B 152 -11.00 20.40 -13.64
C VAL B 152 -12.43 20.80 -13.24
N ALA B 153 -12.86 20.36 -12.05
CA ALA B 153 -14.23 20.58 -11.62
C ALA B 153 -14.36 21.84 -10.77
N ILE B 154 -15.22 22.76 -11.21
CA ILE B 154 -15.44 24.03 -10.52
C ILE B 154 -16.09 23.79 -9.17
N PRO B 155 -15.41 24.18 -8.09
CA PRO B 155 -16.01 24.02 -6.75
C PRO B 155 -17.17 24.98 -6.52
N VAL B 156 -18.32 24.43 -6.12
CA VAL B 156 -19.52 25.22 -5.89
C VAL B 156 -20.00 24.93 -4.47
N LEU B 157 -20.29 25.99 -3.70
CA LEU B 157 -20.59 25.85 -2.27
C LEU B 157 -21.54 26.95 -1.74
N ASP B 158 -22.25 26.64 -0.66
CA ASP B 158 -23.14 27.58 0.03
C ASP B 158 -22.37 28.63 0.83
N PHE B 159 -21.05 28.53 0.81
CA PHE B 159 -20.23 29.35 1.69
C PHE B 159 -19.18 30.03 0.84
N PRO B 160 -18.67 31.18 1.30
CA PRO B 160 -17.50 31.76 0.62
C PRO B 160 -16.32 30.78 0.74
N ILE B 161 -15.69 30.50 -0.40
CA ILE B 161 -14.48 29.68 -0.45
C ILE B 161 -13.41 30.56 -1.09
N PRO B 162 -12.13 30.19 -0.94
CA PRO B 162 -11.11 31.01 -1.59
C PRO B 162 -11.35 31.19 -3.10
N GLY B 163 -11.38 32.44 -3.55
CA GLY B 163 -11.52 32.72 -4.98
C GLY B 163 -12.95 32.96 -5.45
N ALA B 164 -13.93 32.58 -4.62
CA ALA B 164 -15.35 32.72 -5.00
C ALA B 164 -16.23 32.91 -3.77
N ARG B 165 -16.89 34.06 -3.69
CA ARG B 165 -17.64 34.39 -2.48
C ARG B 165 -19.00 33.71 -2.40
N ASP B 166 -19.55 33.35 -3.56
CA ASP B 166 -20.78 32.56 -3.58
C ASP B 166 -20.82 31.69 -4.82
N SER B 167 -21.78 30.77 -4.86
CA SER B 167 -21.97 29.86 -5.98
C SER B 167 -22.14 30.59 -7.32
N ALA B 168 -22.87 31.71 -7.32
CA ALA B 168 -23.10 32.47 -8.54
C ALA B 168 -21.81 33.01 -9.16
N GLU B 169 -20.86 33.45 -8.34
CA GLU B 169 -19.56 33.90 -8.85
C GLU B 169 -18.73 32.71 -9.36
N ALA B 170 -18.74 31.61 -8.61
CA ALA B 170 -17.98 30.42 -8.99
C ALA B 170 -18.52 29.87 -10.32
N ILE B 171 -19.83 29.95 -10.50
CA ILE B 171 -20.44 29.52 -11.75
C ILE B 171 -20.11 30.47 -12.91
N ARG B 172 -20.02 31.77 -12.62
CA ARG B 172 -19.59 32.75 -13.63
C ARG B 172 -18.14 32.54 -14.04
N GLN B 173 -17.27 32.20 -13.08
CA GLN B 173 -15.90 31.88 -13.39
C GLN B 173 -15.83 30.56 -14.16
N GLY B 174 -16.64 29.59 -13.75
CA GLY B 174 -16.70 28.30 -14.42
C GLY B 174 -17.09 28.45 -15.88
N MET B 175 -18.16 29.22 -16.10
CA MET B 175 -18.66 29.48 -17.44
C MET B 175 -17.62 30.12 -18.34
N ALA B 176 -16.90 31.10 -17.82
CA ALA B 176 -15.82 31.75 -18.59
C ALA B 176 -14.72 30.76 -18.94
N LEU B 177 -14.31 29.97 -17.93
CA LEU B 177 -13.30 28.95 -18.10
C LEU B 177 -13.72 27.96 -19.17
N PHE B 178 -14.98 27.54 -19.12
CA PHE B 178 -15.51 26.59 -20.08
C PHE B 178 -15.38 27.13 -21.51
N ASP B 179 -15.51 28.43 -21.67
CA ASP B 179 -15.45 29.05 -22.99
C ASP B 179 -14.01 29.23 -23.45
N ASP B 180 -13.15 29.71 -22.55
CA ASP B 180 -11.71 29.86 -22.83
C ASP B 180 -11.08 28.59 -23.35
N LEU B 181 -11.40 27.47 -22.70
CA LEU B 181 -10.70 26.21 -22.94
C LEU B 181 -11.43 25.28 -23.90
N LYS B 182 -12.41 25.79 -24.65
CA LYS B 182 -13.23 24.94 -25.50
C LYS B 182 -12.43 24.06 -26.47
N HIS B 183 -11.27 24.57 -26.91
CA HIS B 183 -10.44 23.86 -27.89
C HIS B 183 -9.19 23.21 -27.32
N HIS B 184 -9.03 23.23 -26.00
CA HIS B 184 -7.87 22.58 -25.39
C HIS B 184 -7.96 21.07 -25.57
N PRO B 185 -6.96 20.48 -26.21
CA PRO B 185 -7.07 19.04 -26.50
C PRO B 185 -6.98 18.14 -25.25
N ARG B 186 -6.59 18.68 -24.09
CA ARG B 186 -6.32 17.83 -22.92
C ARG B 186 -7.14 18.16 -21.69
N ILE B 187 -7.71 19.34 -21.63
CA ILE B 187 -8.45 19.75 -20.44
C ILE B 187 -9.95 19.79 -20.68
N ARG B 188 -10.72 19.22 -19.74
CA ARG B 188 -12.17 19.31 -19.75
C ARG B 188 -12.60 19.99 -18.46
N ILE B 189 -13.59 20.88 -18.55
CA ILE B 189 -14.12 21.55 -17.36
C ILE B 189 -15.40 20.85 -16.91
N ALA B 190 -15.56 20.69 -15.60
CA ALA B 190 -16.74 20.07 -15.01
C ALA B 190 -17.23 20.95 -13.87
N PHE B 191 -18.37 20.60 -13.29
CA PHE B 191 -18.85 21.28 -12.11
C PHE B 191 -18.74 20.39 -10.88
N GLY B 192 -18.14 20.94 -9.82
CA GLY B 192 -17.91 20.19 -8.60
C GLY B 192 -18.59 20.77 -7.38
N PRO B 193 -19.93 20.69 -7.33
CA PRO B 193 -20.52 21.02 -6.03
C PRO B 193 -19.98 20.02 -5.00
N HIS B 194 -19.62 20.52 -3.83
CA HIS B 194 -18.89 19.71 -2.88
C HIS B 194 -19.63 18.44 -2.49
N ALA B 195 -20.86 18.60 -2.00
CA ALA B 195 -21.66 17.50 -1.49
C ALA B 195 -23.08 18.02 -1.36
N PRO B 196 -24.07 17.12 -1.33
CA PRO B 196 -25.45 17.59 -1.29
C PRO B 196 -25.79 18.41 -0.05
N TYR B 197 -25.15 18.12 1.08
CA TYR B 197 -25.45 18.79 2.34
C TYR B 197 -24.95 20.23 2.39
N THR B 198 -24.32 20.66 1.30
CA THR B 198 -23.58 21.92 1.30
C THR B 198 -23.94 22.77 0.08
N VAL B 199 -24.82 22.24 -0.78
CA VAL B 199 -25.26 22.99 -1.93
C VAL B 199 -26.79 23.03 -1.99
N SER B 200 -27.33 24.23 -2.09
CA SER B 200 -28.77 24.47 -2.11
C SER B 200 -29.49 23.68 -3.20
N ASP B 201 -30.77 23.38 -2.95
CA ASP B 201 -31.63 22.72 -3.93
C ASP B 201 -31.67 23.54 -5.22
N ASP B 202 -31.50 24.85 -5.09
CA ASP B 202 -31.56 25.77 -6.22
C ASP B 202 -30.28 25.78 -7.05
N LYS B 203 -29.14 25.93 -6.39
CA LYS B 203 -27.84 25.90 -7.06
C LYS B 203 -27.67 24.62 -7.88
N LEU B 204 -28.18 23.51 -7.33
CA LEU B 204 -28.08 22.21 -7.98
C LEU B 204 -28.86 22.15 -9.29
N GLU B 205 -30.03 22.79 -9.32
CA GLU B 205 -30.87 22.81 -10.52
C GLU B 205 -30.26 23.75 -11.56
N GLN B 206 -29.72 24.87 -11.09
CA GLN B 206 -28.94 25.75 -11.96
C GLN B 206 -27.78 24.99 -12.61
N ILE B 207 -27.03 24.25 -11.82
CA ILE B 207 -25.90 23.48 -12.35
C ILE B 207 -26.42 22.51 -13.41
N LEU B 208 -27.50 21.80 -13.09
CA LEU B 208 -28.10 20.85 -14.02
C LEU B 208 -28.48 21.48 -15.37
N VAL B 209 -29.12 22.65 -15.37
CA VAL B 209 -29.49 23.28 -16.64
C VAL B 209 -28.24 23.62 -17.46
N LEU B 210 -27.21 24.08 -16.77
CA LEU B 210 -25.93 24.41 -17.42
C LEU B 210 -25.23 23.20 -18.05
N THR B 211 -25.05 22.14 -17.28
CA THR B 211 -24.34 20.95 -17.79
C THR B 211 -25.08 20.31 -18.96
N GLU B 212 -26.41 20.25 -18.88
CA GLU B 212 -27.21 19.74 -19.98
C GLU B 212 -27.01 20.60 -21.22
N GLU B 213 -26.94 21.91 -21.04
CA GLU B 213 -26.68 22.83 -22.16
C GLU B 213 -25.27 22.63 -22.73
N LEU B 214 -24.31 22.32 -21.86
CA LEU B 214 -22.92 22.24 -22.29
C LEU B 214 -22.43 20.82 -22.47
N ASP B 215 -23.28 19.85 -22.13
CA ASP B 215 -22.87 18.43 -22.14
C ASP B 215 -21.62 18.24 -21.26
N ALA B 216 -21.62 18.89 -20.10
CA ALA B 216 -20.51 18.80 -19.15
C ALA B 216 -20.82 17.81 -18.04
N SER B 217 -19.79 17.31 -17.36
CA SER B 217 -19.97 16.39 -16.25
C SER B 217 -20.18 17.11 -14.90
N ILE B 218 -20.71 16.38 -13.92
CA ILE B 218 -20.79 16.86 -12.53
C ILE B 218 -20.11 15.87 -11.60
N GLN B 219 -19.17 16.35 -10.78
CA GLN B 219 -18.58 15.49 -9.75
C GLN B 219 -18.94 16.02 -8.34
N MET B 220 -19.33 15.10 -7.44
CA MET B 220 -19.69 15.45 -6.06
C MET B 220 -19.24 14.36 -5.11
N HIS B 221 -18.89 14.74 -3.88
CA HIS B 221 -18.74 13.77 -2.80
C HIS B 221 -20.16 13.33 -2.41
N VAL B 222 -20.48 12.04 -2.52
CA VAL B 222 -21.83 11.55 -2.18
C VAL B 222 -21.77 10.32 -1.25
N HIS B 223 -22.58 10.36 -0.18
CA HIS B 223 -22.61 9.29 0.82
C HIS B 223 -21.23 8.88 1.33
N GLU B 224 -20.40 9.86 1.65
CA GLU B 224 -19.09 9.56 2.19
C GLU B 224 -19.17 8.91 3.58
N THR B 225 -20.19 9.29 4.35
CA THR B 225 -20.31 8.80 5.73
C THR B 225 -21.73 8.37 6.10
N ALA B 226 -21.84 7.43 7.04
CA ALA B 226 -23.14 7.05 7.60
C ALA B 226 -23.78 8.29 8.22
N PHE B 227 -22.95 9.14 8.80
CA PHE B 227 -23.38 10.39 9.39
C PHE B 227 -24.12 11.30 8.41
N GLU B 228 -23.48 11.58 7.27
CA GLU B 228 -24.11 12.37 6.21
C GLU B 228 -25.48 11.82 5.85
N VAL B 229 -25.56 10.50 5.65
CA VAL B 229 -26.81 9.87 5.22
C VAL B 229 -27.91 10.00 6.27
N GLU B 230 -27.58 9.68 7.52
CA GLU B 230 -28.55 9.73 8.63
C GLU B 230 -29.11 11.12 8.80
N GLN B 231 -28.19 12.08 8.88
CA GLN B 231 -28.47 13.49 9.08
C GLN B 231 -29.46 13.98 8.00
N ALA B 232 -29.26 13.53 6.76
CA ALA B 232 -30.17 13.86 5.68
C ALA B 232 -31.53 13.20 5.87
N MET B 233 -31.49 11.88 6.08
CA MET B 233 -32.69 11.08 6.35
C MET B 233 -33.59 11.70 7.40
N GLU B 234 -33.01 11.95 8.57
CA GLU B 234 -33.71 12.63 9.65
C GLU B 234 -34.16 14.04 9.23
N ARG B 235 -33.25 14.84 8.72
CA ARG B 235 -33.58 16.23 8.41
C ARG B 235 -34.54 16.43 7.22
N ASN B 236 -34.43 15.57 6.20
CA ASN B 236 -35.23 15.77 5.00
C ASN B 236 -36.18 14.62 4.68
N GLY B 237 -35.92 13.44 5.23
CA GLY B 237 -36.72 12.29 4.88
C GLY B 237 -36.20 11.57 3.65
N GLU B 238 -35.15 12.11 3.03
CA GLU B 238 -34.55 11.44 1.88
C GLU B 238 -33.02 11.38 1.91
N ARG B 239 -32.51 10.26 1.42
CA ARG B 239 -31.09 10.06 1.22
C ARG B 239 -30.58 11.04 0.16
N PRO B 240 -29.34 11.53 0.34
CA PRO B 240 -28.72 12.47 -0.59
C PRO B 240 -28.77 11.95 -2.03
N LEU B 241 -28.45 10.68 -2.25
CA LEU B 241 -28.51 10.12 -3.60
C LEU B 241 -29.92 10.24 -4.15
N ALA B 242 -30.90 9.86 -3.33
CA ALA B 242 -32.31 9.94 -3.70
C ALA B 242 -32.73 11.34 -4.12
N ARG B 243 -32.24 12.32 -3.38
CA ARG B 243 -32.53 13.73 -3.66
C ARG B 243 -31.90 14.15 -4.99
N LEU B 244 -30.66 13.71 -5.22
CA LEU B 244 -30.00 13.95 -6.50
C LEU B 244 -30.78 13.36 -7.68
N HIS B 245 -31.25 12.12 -7.52
CA HIS B 245 -32.03 11.44 -8.55
C HIS B 245 -33.35 12.17 -8.79
N ARG B 246 -33.90 12.76 -7.74
CA ARG B 246 -35.16 13.50 -7.85
C ARG B 246 -34.94 14.78 -8.65
N LEU B 247 -33.83 15.44 -8.39
CA LEU B 247 -33.53 16.69 -9.07
C LEU B 247 -33.06 16.44 -10.52
N GLY B 248 -32.90 15.18 -10.91
CA GLY B 248 -32.51 14.83 -12.26
C GLY B 248 -31.02 14.93 -12.55
N LEU B 249 -30.21 14.94 -11.48
CA LEU B 249 -28.78 15.16 -11.65
C LEU B 249 -28.05 13.89 -12.05
N LEU B 250 -28.58 12.76 -11.60
CA LEU B 250 -27.96 11.46 -11.87
C LEU B 250 -28.01 11.13 -13.37
N GLY B 251 -26.96 10.49 -13.86
CA GLY B 251 -26.82 10.23 -15.28
C GLY B 251 -25.39 9.88 -15.64
N PRO B 252 -25.13 9.60 -16.92
CA PRO B 252 -23.84 9.11 -17.41
C PRO B 252 -22.69 10.09 -17.18
N ARG B 253 -23.01 11.37 -16.98
CA ARG B 253 -21.98 12.38 -16.75
C ARG B 253 -21.85 12.74 -15.28
N PHE B 254 -22.62 12.07 -14.42
CA PHE B 254 -22.54 12.27 -12.97
C PHE B 254 -21.51 11.34 -12.32
N GLN B 255 -20.59 11.93 -11.57
CA GLN B 255 -19.56 11.19 -10.84
C GLN B 255 -19.79 11.27 -9.32
N ALA B 256 -20.26 10.17 -8.73
CA ALA B 256 -20.56 10.12 -7.31
C ALA B 256 -19.33 9.58 -6.58
N VAL B 257 -18.67 10.45 -5.83
CA VAL B 257 -17.40 10.10 -5.18
C VAL B 257 -17.67 9.51 -3.80
N HIS B 258 -16.92 8.45 -3.49
CA HIS B 258 -16.92 7.75 -2.20
C HIS B 258 -17.97 6.67 -2.11
N MET B 259 -19.21 7.07 -1.87
CA MET B 259 -20.35 6.13 -1.79
C MET B 259 -20.02 4.94 -0.91
N THR B 260 -19.66 5.19 0.35
CA THR B 260 -19.39 4.10 1.27
C THR B 260 -20.73 3.60 1.78
N GLN B 261 -21.75 4.45 1.73
CA GLN B 261 -23.08 4.07 2.18
C GLN B 261 -23.98 3.82 0.96
N VAL B 262 -24.28 2.55 0.72
CA VAL B 262 -25.10 2.13 -0.40
C VAL B 262 -26.18 1.17 0.08
N ASP B 263 -27.45 1.54 -0.09
CA ASP B 263 -28.53 0.57 0.11
C ASP B 263 -29.09 0.10 -1.25
N ASN B 264 -30.10 -0.77 -1.21
CA ASN B 264 -30.67 -1.35 -2.43
C ASN B 264 -31.31 -0.33 -3.35
N ASP B 265 -31.88 0.72 -2.75
CA ASP B 265 -32.45 1.81 -3.55
C ASP B 265 -31.33 2.61 -4.22
N ASP B 266 -30.32 2.99 -3.43
CA ASP B 266 -29.11 3.64 -3.97
C ASP B 266 -28.59 2.88 -5.19
N LEU B 267 -28.40 1.57 -5.02
CA LEU B 267 -27.88 0.73 -6.10
C LEU B 267 -28.74 0.79 -7.35
N ALA B 268 -30.06 0.60 -7.20
CA ALA B 268 -30.97 0.68 -8.34
C ALA B 268 -30.85 2.00 -9.08
N MET B 269 -30.74 3.09 -8.33
CA MET B 269 -30.65 4.42 -8.93
C MET B 269 -29.34 4.64 -9.65
N LEU B 270 -28.25 4.06 -9.12
CA LEU B 270 -26.97 4.06 -9.80
C LEU B 270 -27.06 3.26 -11.10
N VAL B 271 -27.74 2.11 -11.01
CA VAL B 271 -27.86 1.20 -12.15
C VAL B 271 -28.70 1.81 -13.27
N GLU B 272 -29.82 2.44 -12.91
CA GLU B 272 -30.74 2.95 -13.92
C GLU B 272 -30.21 4.18 -14.65
N THR B 273 -29.40 4.98 -13.95
CA THR B 273 -28.96 6.28 -14.45
C THR B 273 -27.63 6.19 -15.17
N ASN B 274 -26.93 5.08 -14.93
CA ASN B 274 -25.59 4.85 -15.45
C ASN B 274 -24.61 5.92 -14.92
N SER B 275 -24.79 6.31 -13.66
CA SER B 275 -23.85 7.20 -13.01
C SER B 275 -22.58 6.43 -12.63
N SER B 276 -21.44 7.12 -12.64
CA SER B 276 -20.19 6.52 -12.18
C SER B 276 -20.00 6.71 -10.68
N VAL B 277 -19.39 5.72 -10.03
CA VAL B 277 -18.93 5.87 -8.66
C VAL B 277 -17.40 6.00 -8.71
N ILE B 278 -16.85 6.95 -7.94
CA ILE B 278 -15.41 7.09 -7.83
C ILE B 278 -15.01 6.60 -6.45
N HIS B 279 -14.32 5.47 -6.41
CA HIS B 279 -13.93 4.79 -5.17
C HIS B 279 -12.60 5.37 -4.69
N CYS B 280 -12.53 5.78 -3.41
CA CYS B 280 -11.28 6.27 -2.81
C CYS B 280 -11.02 5.54 -1.51
N PRO B 281 -10.53 4.30 -1.62
CA PRO B 281 -10.48 3.44 -0.43
C PRO B 281 -9.59 3.97 0.69
N GLU B 282 -8.46 4.59 0.35
CA GLU B 282 -7.50 4.93 1.38
C GLU B 282 -7.98 6.09 2.24
N SER B 283 -8.52 7.11 1.59
CA SER B 283 -9.17 8.21 2.27
C SER B 283 -10.34 7.67 3.11
N ASN B 284 -11.15 6.78 2.54
CA ASN B 284 -12.28 6.20 3.28
C ASN B 284 -11.81 5.47 4.53
N LEU B 285 -10.70 4.73 4.43
CA LEU B 285 -10.11 4.08 5.60
C LEU B 285 -9.56 5.09 6.59
N LYS B 286 -8.75 6.01 6.11
CA LYS B 286 -8.03 6.94 6.99
C LYS B 286 -8.98 7.82 7.80
N LEU B 287 -10.07 8.25 7.15
CA LEU B 287 -11.07 9.09 7.79
C LEU B 287 -12.16 8.28 8.47
N ALA B 288 -11.99 6.95 8.47
CA ALA B 288 -13.02 6.03 8.98
C ALA B 288 -14.38 6.30 8.38
N SER B 289 -14.40 6.57 7.08
CA SER B 289 -15.66 6.87 6.41
C SER B 289 -16.47 5.60 6.18
N GLY B 290 -15.77 4.48 5.95
CA GLY B 290 -16.46 3.22 5.70
C GLY B 290 -15.89 2.41 4.56
N PHE B 291 -16.71 1.51 4.03
CA PHE B 291 -16.25 0.57 3.03
C PHE B 291 -17.21 0.55 1.84
N CYS B 292 -16.84 1.27 0.78
CA CYS B 292 -17.57 1.21 -0.48
C CYS B 292 -17.65 -0.25 -0.94
N PRO B 293 -18.86 -0.73 -1.27
CA PRO B 293 -19.05 -2.12 -1.67
C PRO B 293 -18.76 -2.27 -3.15
N VAL B 294 -17.47 -2.31 -3.50
CA VAL B 294 -17.07 -2.21 -4.89
C VAL B 294 -17.55 -3.39 -5.75
N GLU B 295 -17.38 -4.60 -5.24
CA GLU B 295 -17.76 -5.79 -5.99
C GLU B 295 -19.28 -5.80 -6.22
N LYS B 296 -20.04 -5.39 -5.21
CA LYS B 296 -21.51 -5.32 -5.32
C LYS B 296 -21.91 -4.39 -6.46
N LEU B 297 -21.26 -3.23 -6.52
CA LEU B 297 -21.55 -2.26 -7.57
C LEU B 297 -21.15 -2.80 -8.93
N TRP B 298 -19.95 -3.38 -8.97
CA TRP B 298 -19.41 -3.93 -10.21
C TRP B 298 -20.35 -4.98 -10.81
N GLN B 299 -20.72 -5.96 -10.00
CA GLN B 299 -21.61 -7.04 -10.45
C GLN B 299 -23.00 -6.54 -10.87
N ALA B 300 -23.37 -5.35 -10.40
CA ALA B 300 -24.64 -4.73 -10.77
C ALA B 300 -24.48 -3.90 -12.04
N GLY B 301 -23.26 -3.81 -12.54
CA GLY B 301 -23.00 -3.08 -13.76
C GLY B 301 -22.70 -1.60 -13.61
N VAL B 302 -22.48 -1.13 -12.38
CA VAL B 302 -22.09 0.26 -12.18
C VAL B 302 -20.62 0.43 -12.55
N ASN B 303 -20.32 1.47 -13.33
CA ASN B 303 -18.93 1.81 -13.61
C ASN B 303 -18.25 2.37 -12.35
N VAL B 304 -17.23 1.66 -11.86
CA VAL B 304 -16.46 2.18 -10.73
C VAL B 304 -15.06 2.58 -11.17
N ALA B 305 -14.70 3.84 -10.96
CA ALA B 305 -13.35 4.33 -11.21
C ALA B 305 -12.66 4.46 -9.86
N ILE B 306 -11.47 5.04 -9.85
CA ILE B 306 -10.75 5.13 -8.58
C ILE B 306 -10.01 6.45 -8.50
N GLY B 307 -9.93 7.02 -7.30
CA GLY B 307 -9.17 8.24 -7.12
C GLY B 307 -8.39 8.19 -5.82
N THR B 308 -7.46 9.11 -5.66
CA THR B 308 -6.68 9.17 -4.43
C THR B 308 -7.29 10.05 -3.33
N ASP B 309 -8.18 10.97 -3.72
CA ASP B 309 -8.57 12.11 -2.86
C ASP B 309 -7.34 13.01 -2.66
N GLY B 310 -7.42 13.95 -1.72
CA GLY B 310 -6.31 14.85 -1.49
C GLY B 310 -5.17 14.19 -0.74
N ALA B 311 -3.96 14.73 -0.89
CA ALA B 311 -2.80 14.15 -0.25
C ALA B 311 -2.79 14.35 1.27
N ALA B 312 -3.71 15.15 1.79
CA ALA B 312 -3.81 15.31 3.25
C ALA B 312 -4.67 14.24 3.91
N SER B 313 -5.35 13.42 3.11
CA SER B 313 -6.04 12.26 3.69
C SER B 313 -5.73 11.01 2.86
N ASN B 314 -4.44 10.71 2.74
CA ASN B 314 -4.03 9.53 1.97
C ASN B 314 -2.80 8.76 2.48
N ASN B 315 -1.59 9.33 2.55
CA ASN B 315 -1.24 10.71 2.22
C ASN B 315 -0.34 10.82 0.98
N ASP B 316 -0.47 9.90 0.02
CA ASP B 316 0.21 10.07 -1.28
C ASP B 316 -0.79 10.14 -2.43
N LEU B 317 -0.27 10.38 -3.63
CA LEU B 317 -1.11 10.46 -4.82
C LEU B 317 -0.70 9.30 -5.72
N ASP B 318 -0.72 8.12 -5.13
CA ASP B 318 -0.24 6.90 -5.76
C ASP B 318 -1.45 6.10 -6.23
N LEU B 319 -1.81 6.19 -7.50
CA LEU B 319 -2.99 5.47 -7.97
C LEU B 319 -2.73 3.96 -8.06
N LEU B 320 -1.51 3.57 -8.43
CA LEU B 320 -1.19 2.15 -8.44
C LEU B 320 -1.37 1.59 -7.03
N GLY B 321 -0.79 2.26 -6.04
CA GLY B 321 -0.97 1.83 -4.66
C GLY B 321 -2.43 1.83 -4.22
N GLU B 322 -3.18 2.85 -4.63
CA GLU B 322 -4.60 2.94 -4.27
C GLU B 322 -5.35 1.74 -4.82
N THR B 323 -4.99 1.35 -6.04
CA THR B 323 -5.65 0.25 -6.75
C THR B 323 -5.37 -1.09 -6.06
N ARG B 324 -4.13 -1.29 -5.64
CA ARG B 324 -3.77 -2.43 -4.81
C ARG B 324 -4.62 -2.45 -3.55
N THR B 325 -4.69 -1.33 -2.83
CA THR B 325 -5.56 -1.24 -1.66
C THR B 325 -7.01 -1.61 -2.03
N ALA B 326 -7.54 -1.05 -3.13
CA ALA B 326 -8.89 -1.41 -3.57
C ALA B 326 -9.05 -2.91 -3.84
N ALA B 327 -8.11 -3.48 -4.59
CA ALA B 327 -8.19 -4.90 -4.96
C ALA B 327 -8.14 -5.83 -3.73
N LEU B 328 -7.32 -5.49 -2.73
CA LEU B 328 -7.24 -6.29 -1.50
C LEU B 328 -8.52 -6.15 -0.71
N LEU B 329 -8.85 -4.89 -0.41
CA LEU B 329 -10.01 -4.55 0.41
C LEU B 329 -11.33 -5.12 -0.13
N ALA B 330 -11.49 -5.18 -1.44
CA ALA B 330 -12.77 -5.56 -2.03
C ALA B 330 -13.10 -7.02 -1.70
N LYS B 331 -12.07 -7.84 -1.58
CA LYS B 331 -12.25 -9.26 -1.35
C LYS B 331 -12.81 -9.50 0.06
N ALA B 332 -12.21 -8.88 1.08
CA ALA B 332 -12.76 -9.05 2.43
C ALA B 332 -14.07 -8.30 2.66
N VAL B 333 -14.28 -7.18 1.97
CA VAL B 333 -15.55 -6.47 2.15
C VAL B 333 -16.70 -7.27 1.54
N TYR B 334 -16.45 -7.86 0.38
CA TYR B 334 -17.43 -8.70 -0.31
C TYR B 334 -17.51 -10.11 0.26
N GLY B 335 -16.45 -10.57 0.90
CA GLY B 335 -16.42 -11.91 1.47
C GLY B 335 -15.96 -13.02 0.53
N GLN B 336 -15.28 -12.68 -0.56
CA GLN B 336 -14.75 -13.68 -1.49
C GLN B 336 -13.39 -13.26 -2.07
N ALA B 337 -12.44 -14.19 -2.10
CA ALA B 337 -11.09 -13.91 -2.63
C ALA B 337 -11.08 -13.66 -4.15
N THR B 338 -12.22 -13.86 -4.80
CA THR B 338 -12.35 -13.68 -6.24
C THR B 338 -12.77 -12.28 -6.65
N ALA B 339 -13.20 -11.47 -5.69
CA ALA B 339 -13.65 -10.11 -5.99
C ALA B 339 -12.52 -9.28 -6.55
N LEU B 340 -12.89 -8.34 -7.42
CA LEU B 340 -11.95 -7.37 -8.00
C LEU B 340 -10.58 -7.95 -8.32
N ASP B 341 -10.52 -8.83 -9.32
CA ASP B 341 -9.25 -9.45 -9.68
C ASP B 341 -8.31 -8.41 -10.31
N ALA B 342 -7.04 -8.79 -10.49
CA ALA B 342 -6.00 -7.83 -10.87
C ALA B 342 -6.27 -7.18 -12.23
N HIS B 343 -6.79 -7.93 -13.18
CA HIS B 343 -7.10 -7.33 -14.46
C HIS B 343 -8.26 -6.35 -14.35
N ARG B 344 -9.28 -6.69 -13.56
CA ARG B 344 -10.39 -5.75 -13.34
C ARG B 344 -9.93 -4.52 -12.55
N ALA B 345 -9.00 -4.72 -11.62
CA ALA B 345 -8.48 -3.59 -10.85
C ALA B 345 -7.75 -2.63 -11.76
N LEU B 346 -6.92 -3.16 -12.66
CA LEU B 346 -6.22 -2.31 -13.62
C LEU B 346 -7.22 -1.60 -14.55
N ARG B 347 -8.30 -2.30 -14.88
CA ARG B 347 -9.39 -1.72 -15.67
C ARG B 347 -10.01 -0.51 -14.97
N MET B 348 -10.24 -0.65 -13.66
CA MET B 348 -10.78 0.43 -12.84
C MET B 348 -9.87 1.66 -12.85
N ALA B 349 -8.56 1.42 -12.85
CA ALA B 349 -7.56 2.49 -12.79
C ALA B 349 -7.33 3.14 -14.14
N THR B 350 -7.95 2.60 -15.18
CA THR B 350 -7.70 3.08 -16.53
C THR B 350 -9.01 3.35 -17.25
N LEU B 351 -9.53 2.33 -17.93
CA LEU B 351 -10.72 2.51 -18.76
C LEU B 351 -11.94 3.01 -18.00
N ASN B 352 -12.14 2.51 -16.78
CA ASN B 352 -13.27 2.95 -15.96
C ASN B 352 -13.11 4.44 -15.60
N GLY B 353 -11.88 4.84 -15.31
CA GLY B 353 -11.54 6.23 -15.11
C GLY B 353 -11.92 7.05 -16.33
N ALA B 354 -11.49 6.59 -17.51
CA ALA B 354 -11.84 7.27 -18.75
C ALA B 354 -13.34 7.40 -18.91
N ARG B 355 -14.07 6.32 -18.64
CA ARG B 355 -15.53 6.34 -18.79
C ARG B 355 -16.13 7.33 -17.82
N ALA B 356 -15.71 7.24 -16.56
CA ALA B 356 -16.10 8.19 -15.52
C ALA B 356 -15.99 9.65 -15.98
N LEU B 357 -14.88 9.97 -16.63
CA LEU B 357 -14.60 11.35 -17.06
C LEU B 357 -15.11 11.66 -18.46
N GLY B 358 -15.80 10.71 -19.10
CA GLY B 358 -16.35 10.93 -20.43
C GLY B 358 -15.30 10.92 -21.53
N LEU B 359 -14.17 10.25 -21.28
CA LEU B 359 -13.03 10.28 -22.19
C LEU B 359 -12.74 8.90 -22.80
N GLU B 360 -13.69 7.98 -22.69
CA GLU B 360 -13.45 6.59 -23.05
C GLU B 360 -13.12 6.36 -24.54
N ARG B 361 -13.53 7.27 -25.40
CA ARG B 361 -13.25 7.14 -26.84
C ARG B 361 -11.82 7.59 -27.15
N LEU B 362 -11.20 8.28 -26.19
CA LEU B 362 -9.87 8.87 -26.37
C LEU B 362 -8.78 8.08 -25.68
N ILE B 363 -9.07 7.60 -24.47
CA ILE B 363 -8.06 6.99 -23.61
C ILE B 363 -8.60 5.78 -22.86
N GLY B 364 -7.74 5.14 -22.07
CA GLY B 364 -8.21 4.07 -21.20
C GLY B 364 -7.86 2.66 -21.65
N SER B 365 -7.50 2.50 -22.92
CA SER B 365 -7.16 1.18 -23.43
C SER B 365 -6.21 1.34 -24.59
N LEU B 366 -5.39 0.32 -24.84
CA LEU B 366 -4.42 0.37 -25.93
C LEU B 366 -5.07 -0.16 -27.21
N GLU B 367 -5.86 0.69 -27.87
CA GLU B 367 -6.53 0.35 -29.12
C GLU B 367 -6.20 1.36 -30.21
N ALA B 368 -6.13 0.89 -31.46
CA ALA B 368 -5.87 1.76 -32.59
C ALA B 368 -6.91 2.87 -32.66
N GLY B 369 -6.45 4.10 -32.94
CA GLY B 369 -7.35 5.25 -32.97
C GLY B 369 -7.44 6.03 -31.68
N LYS B 370 -6.97 5.46 -30.57
CA LYS B 370 -6.99 6.16 -29.29
C LYS B 370 -5.71 6.95 -29.08
N ALA B 371 -5.76 7.94 -28.19
CA ALA B 371 -4.60 8.75 -27.87
C ALA B 371 -3.48 7.89 -27.28
N ALA B 372 -2.24 8.26 -27.56
CA ALA B 372 -1.09 7.55 -27.03
C ALA B 372 -0.77 8.01 -25.62
N ASP B 373 -1.67 7.67 -24.67
CA ASP B 373 -1.46 7.90 -23.25
C ASP B 373 -1.04 6.58 -22.62
N LEU B 374 0.23 6.48 -22.25
CA LEU B 374 0.89 5.19 -22.01
C LEU B 374 1.81 5.25 -20.80
N VAL B 375 1.88 4.15 -20.05
CA VAL B 375 2.88 4.03 -18.98
C VAL B 375 3.64 2.72 -19.14
N ALA B 376 4.95 2.75 -18.91
CA ALA B 376 5.76 1.54 -18.92
C ALA B 376 6.25 1.23 -17.51
N PHE B 377 5.89 0.04 -17.02
CA PHE B 377 6.24 -0.41 -15.67
C PHE B 377 7.37 -1.42 -15.75
N ASP B 378 8.47 -1.16 -15.03
CA ASP B 378 9.57 -2.12 -14.94
C ASP B 378 9.20 -3.24 -13.98
N LEU B 379 9.21 -4.48 -14.47
CA LEU B 379 8.98 -5.65 -13.61
C LEU B 379 10.24 -6.54 -13.47
N SER B 380 11.41 -5.96 -13.75
CA SER B 380 12.64 -6.75 -13.75
C SER B 380 13.32 -6.71 -12.38
N GLY B 381 12.65 -6.12 -11.39
CA GLY B 381 13.25 -5.98 -10.07
C GLY B 381 13.20 -7.25 -9.23
N LEU B 382 14.11 -7.37 -8.28
CA LEU B 382 14.20 -8.55 -7.41
C LEU B 382 12.87 -8.91 -6.74
N ALA B 383 12.28 -7.94 -6.07
CA ALA B 383 11.05 -8.16 -5.31
C ALA B 383 9.86 -8.53 -6.19
N GLN B 384 10.00 -8.33 -7.51
CA GLN B 384 8.94 -8.68 -8.45
C GLN B 384 9.09 -10.09 -9.05
N GLN B 385 10.22 -10.74 -8.79
CA GLN B 385 10.49 -12.07 -9.35
C GLN B 385 9.88 -13.19 -8.49
N PRO B 386 9.51 -14.32 -9.12
CA PRO B 386 9.43 -14.45 -10.58
C PRO B 386 8.09 -13.95 -11.08
N VAL B 387 8.04 -13.49 -12.33
CA VAL B 387 6.82 -12.94 -12.90
C VAL B 387 6.07 -14.04 -13.62
N TYR B 388 4.86 -14.33 -13.17
CA TYR B 388 4.01 -15.29 -13.84
C TYR B 388 2.97 -14.56 -14.70
N ASP B 389 2.12 -13.76 -14.07
CA ASP B 389 1.21 -12.86 -14.79
C ASP B 389 1.69 -11.43 -14.51
N PRO B 390 2.13 -10.71 -15.54
CA PRO B 390 2.69 -9.37 -15.29
C PRO B 390 1.64 -8.43 -14.69
N VAL B 391 0.37 -8.64 -15.02
CA VAL B 391 -0.69 -7.80 -14.47
C VAL B 391 -0.90 -8.07 -12.99
N SER B 392 -0.89 -9.35 -12.61
CA SER B 392 -0.95 -9.69 -11.20
C SER B 392 0.23 -9.07 -10.48
N GLN B 393 1.42 -9.19 -11.07
CA GLN B 393 2.63 -8.70 -10.41
C GLN B 393 2.62 -7.18 -10.28
N LEU B 394 2.04 -6.51 -11.28
CA LEU B 394 1.84 -5.07 -11.21
C LEU B 394 0.96 -4.73 -10.03
N ILE B 395 -0.24 -5.30 -10.00
CA ILE B 395 -1.21 -4.91 -8.97
C ILE B 395 -0.81 -5.33 -7.56
N TYR B 396 -0.35 -6.57 -7.39
CA TYR B 396 -0.09 -7.06 -6.00
C TYR B 396 1.35 -7.00 -5.51
N ALA B 397 2.32 -6.71 -6.39
CA ALA B 397 3.73 -6.73 -5.95
C ALA B 397 4.66 -5.62 -6.49
N SER B 398 4.12 -4.60 -7.13
CA SER B 398 4.96 -3.54 -7.65
C SER B 398 4.62 -2.20 -7.02
N GLY B 399 5.65 -1.40 -6.74
CA GLY B 399 5.43 -0.05 -6.26
C GLY B 399 5.52 0.95 -7.41
N ARG B 400 4.99 2.15 -7.21
CA ARG B 400 5.00 3.18 -8.24
C ARG B 400 6.42 3.59 -8.64
N ASP B 401 7.42 3.29 -7.81
CA ASP B 401 8.80 3.59 -8.22
C ASP B 401 9.24 2.73 -9.42
N CYS B 402 8.45 1.71 -9.76
CA CYS B 402 8.82 0.94 -10.94
C CYS B 402 8.38 1.66 -12.24
N VAL B 403 7.66 2.76 -12.12
CA VAL B 403 7.24 3.50 -13.32
C VAL B 403 8.46 4.15 -13.97
N ARG B 404 8.72 3.82 -15.24
CA ARG B 404 9.92 4.30 -15.93
C ARG B 404 9.65 5.38 -16.96
N HIS B 405 8.57 5.19 -17.74
CA HIS B 405 8.28 6.05 -18.89
C HIS B 405 6.80 6.36 -18.93
N VAL B 406 6.45 7.61 -19.26
CA VAL B 406 5.06 8.01 -19.37
C VAL B 406 4.86 8.91 -20.60
N TRP B 407 3.88 8.60 -21.45
CA TRP B 407 3.55 9.48 -22.58
C TRP B 407 2.12 9.99 -22.47
N VAL B 408 1.90 11.24 -22.88
CA VAL B 408 0.55 11.73 -22.99
C VAL B 408 0.35 12.30 -24.39
N GLY B 409 -0.57 11.72 -25.14
CA GLY B 409 -0.75 12.07 -26.54
C GLY B 409 0.54 11.87 -27.31
N GLY B 410 1.29 10.82 -26.97
CA GLY B 410 2.55 10.53 -27.65
C GLY B 410 3.71 11.43 -27.25
N ARG B 411 3.42 12.42 -26.40
CA ARG B 411 4.47 13.30 -25.89
C ARG B 411 5.03 12.71 -24.60
N GLN B 412 6.33 12.44 -24.56
CA GLN B 412 6.94 11.84 -23.37
C GLN B 412 7.04 12.85 -22.22
N LEU B 413 6.48 12.49 -21.06
CA LEU B 413 6.51 13.37 -19.89
C LEU B 413 7.48 12.82 -18.87
N LEU B 414 7.75 11.52 -18.95
CA LEU B 414 8.69 10.86 -18.03
C LEU B 414 9.62 9.95 -18.82
N ASP B 415 10.92 10.13 -18.62
CA ASP B 415 11.93 9.35 -19.33
C ASP B 415 12.88 8.73 -18.31
N ASP B 416 12.78 7.41 -18.16
CA ASP B 416 13.60 6.68 -17.19
C ASP B 416 13.53 7.35 -15.82
N GLY B 417 12.30 7.64 -15.40
CA GLY B 417 12.05 8.22 -14.09
C GLY B 417 12.29 9.72 -13.97
N ARG B 418 12.73 10.37 -15.05
CA ARG B 418 12.97 11.81 -15.02
C ARG B 418 11.83 12.65 -15.62
N LEU B 419 11.37 13.64 -14.88
CA LEU B 419 10.33 14.54 -15.39
C LEU B 419 10.87 15.51 -16.43
N LEU B 420 10.20 15.57 -17.58
CA LEU B 420 10.65 16.42 -18.68
C LEU B 420 10.01 17.82 -18.65
N ARG B 421 8.97 17.99 -17.84
CA ARG B 421 8.22 19.25 -17.81
C ARG B 421 8.24 19.91 -16.43
N HIS B 422 9.00 19.34 -15.50
CA HIS B 422 9.11 19.86 -14.13
C HIS B 422 10.55 19.77 -13.65
N ASP B 423 10.95 20.72 -12.80
CA ASP B 423 12.25 20.68 -12.13
C ASP B 423 12.01 20.26 -10.68
N GLU B 424 12.32 19.00 -10.37
CA GLU B 424 11.98 18.44 -9.08
C GLU B 424 12.64 19.19 -7.95
N GLN B 425 13.88 19.61 -8.16
CA GLN B 425 14.63 20.21 -7.08
C GLN B 425 14.06 21.55 -6.65
N ARG B 426 13.56 22.33 -7.58
CA ARG B 426 13.01 23.63 -7.19
C ARG B 426 11.57 23.49 -6.69
N LEU B 427 10.87 22.46 -7.19
CA LEU B 427 9.53 22.15 -6.68
C LEU B 427 9.63 21.77 -5.22
N ILE B 428 10.70 21.06 -4.89
CA ILE B 428 10.98 20.65 -3.50
C ILE B 428 11.27 21.87 -2.63
N ALA B 429 12.09 22.79 -3.15
CA ALA B 429 12.43 24.01 -2.42
C ALA B 429 11.19 24.85 -2.18
N ARG B 430 10.35 24.95 -3.20
CA ARG B 430 9.10 25.69 -3.08
C ARG B 430 8.18 25.04 -2.04
N ALA B 431 8.06 23.72 -2.11
CA ALA B 431 7.25 22.98 -1.15
C ALA B 431 7.73 23.25 0.27
N ARG B 432 9.04 23.35 0.46
CA ARG B 432 9.62 23.59 1.78
C ARG B 432 9.36 25.01 2.28
N GLU B 433 9.34 25.97 1.37
CA GLU B 433 8.96 27.34 1.71
C GLU B 433 7.54 27.36 2.25
N TRP B 434 6.64 26.72 1.52
CA TRP B 434 5.25 26.65 1.97
C TRP B 434 5.15 25.91 3.29
N GLY B 435 5.93 24.84 3.44
CA GLY B 435 5.94 24.07 4.67
C GLY B 435 6.35 24.87 5.90
N ALA B 436 7.36 25.72 5.75
CA ALA B 436 7.81 26.57 6.84
C ALA B 436 6.71 27.51 7.31
N LYS B 437 6.07 28.20 6.37
CA LYS B 437 4.96 29.12 6.67
C LYS B 437 3.76 28.42 7.32
N ILE B 438 3.31 27.33 6.70
CA ILE B 438 2.13 26.60 7.14
C ILE B 438 2.37 25.97 8.51
N ALA B 439 3.60 25.50 8.74
CA ALA B 439 3.96 24.95 10.05
C ALA B 439 3.83 26.03 11.12
N ALA B 440 4.31 27.23 10.80
CA ALA B 440 4.29 28.33 11.76
C ALA B 440 2.85 28.74 12.11
N SER B 441 1.99 28.85 11.11
CA SER B 441 0.61 29.25 11.35
C SER B 441 -0.21 28.15 12.01
N ASP B 442 0.21 26.89 11.87
CA ASP B 442 -0.55 25.79 12.46
C ASP B 442 -0.43 25.76 13.98
#